data_7KP8
#
_entry.id   7KP8
#
_cell.length_a   133.577
_cell.length_b   133.577
_cell.length_c   141.445
_cell.angle_alpha   90.000
_cell.angle_beta   90.000
_cell.angle_gamma   90.000
#
_symmetry.space_group_name_H-M   'P 41 21 2'
#
loop_
_entity.id
_entity.type
_entity.pdbx_description
1 polymer 'Tumor necrosis factor'
2 polymer 'Tumor necrosis factor receptor superfamily member 1A'
3 non-polymer 1-{[2-(difluoromethoxy)phenyl]methyl}-2-methyl-6-[6-(piperazin-1-yl)pyridin-3-yl]-1H-benzimidazole
4 water water
#
loop_
_entity_poly.entity_id
_entity_poly.type
_entity_poly.pdbx_seq_one_letter_code
_entity_poly.pdbx_strand_id
1 'polypeptide(L)'
;DKPVAHVVANHQVEEQLEWLSQRANALLANGMDLKDNQLVVPADGLYLVYSQVLFKGQGCPDYVLLTHTVSRFAISYQEK
VNLLSAVKSPCPKDTPEGAELKPWYEPIYLGGVFQLEKGDQLSAEVNLPKYLDFAESGQVYFGVIAL
;
A,B,C
2 'polypeptide(L)'
;VCPQGKYIHPQDNSICCTKCHKGTYLYNDCPGPGQDTDCRECESGSFTASENHLRHCLSCSKCRKEMGQVEISSCTVDRD
TVCGCRKNQYRHYWSENLFQCFNCSLCLNGTVHLSCQEKQNTVCTCHAGFFLRENECVSSSN
;
E,F
#
# COMPACT_ATOMS: atom_id res chain seq x y z
N ASP A 1 -17.53 15.20 -7.92
CA ASP A 1 -18.23 16.34 -7.25
C ASP A 1 -17.34 17.07 -6.21
N LYS A 2 -16.69 16.28 -5.34
CA LYS A 2 -15.94 16.78 -4.19
C LYS A 2 -14.48 17.21 -4.55
N PRO A 3 -14.02 18.34 -4.01
CA PRO A 3 -12.65 18.84 -4.28
C PRO A 3 -11.58 17.80 -3.99
N VAL A 4 -10.63 17.65 -4.93
CA VAL A 4 -9.47 16.76 -4.74
C VAL A 4 -8.21 17.33 -5.37
N ALA A 5 -7.08 16.95 -4.80
CA ALA A 5 -5.79 17.40 -5.32
C ALA A 5 -4.77 16.32 -5.10
N HIS A 6 -3.94 16.12 -6.12
CA HIS A 6 -2.76 15.29 -6.01
C HIS A 6 -1.65 15.96 -6.80
N VAL A 7 -0.70 16.53 -6.09
CA VAL A 7 0.39 17.24 -6.74
C VAL A 7 1.70 16.57 -6.38
N VAL A 8 2.69 16.77 -7.23
CA VAL A 8 3.91 16.00 -7.16
C VAL A 8 5.09 16.90 -7.17
N ALA A 9 6.23 16.38 -6.70
CA ALA A 9 7.45 17.16 -6.61
C ALA A 9 7.95 17.52 -8.02
N ASN A 10 8.47 18.73 -8.12
CA ASN A 10 9.24 19.16 -9.28
C ASN A 10 10.68 18.61 -9.22
N HIS A 11 11.03 17.73 -10.16
CA HIS A 11 12.39 17.17 -10.23
C HIS A 11 13.40 18.22 -10.72
N GLN A 12 12.93 19.13 -11.59
CA GLN A 12 13.78 20.14 -12.20
C GLN A 12 14.31 21.20 -11.19
N VAL A 13 13.70 21.29 -10.01
CA VAL A 13 14.13 22.23 -8.97
C VAL A 13 14.63 21.50 -7.72
N GLU A 14 15.83 20.89 -7.80
CA GLU A 14 16.51 20.34 -6.59
C GLU A 14 16.91 21.50 -5.66
N GLU A 15 16.90 21.24 -4.36
CA GLU A 15 17.19 22.29 -3.36
C GLU A 15 15.94 23.04 -2.88
N GLN A 16 14.78 22.68 -3.43
CA GLN A 16 13.48 23.18 -2.96
C GLN A 16 12.41 22.12 -3.29
N LEU A 17 11.48 21.88 -2.37
CA LEU A 17 10.38 20.97 -2.65
C LEU A 17 9.22 21.74 -3.26
N GLU A 18 9.18 21.78 -4.59
CA GLU A 18 8.18 22.54 -5.32
C GLU A 18 7.09 21.63 -5.91
N TRP A 19 5.85 21.90 -5.56
CA TRP A 19 4.74 21.09 -6.03
C TRP A 19 4.27 21.48 -7.42
N LEU A 20 3.95 20.48 -8.23
CA LEU A 20 3.44 20.69 -9.59
C LEU A 20 2.06 20.06 -9.74
N SER A 21 1.15 20.77 -10.41
CA SER A 21 -0.16 20.23 -10.81
C SER A 21 -0.22 19.98 -12.32
N GLN A 22 0.47 20.81 -13.11
CA GLN A 22 0.36 20.78 -14.58
C GLN A 22 1.30 19.69 -15.08
N ARG A 23 0.85 18.46 -14.85
CA ARG A 23 1.65 17.29 -15.10
C ARG A 23 0.79 16.08 -15.26
N ALA A 24 1.22 15.15 -16.11
CA ALA A 24 0.49 13.90 -16.28
C ALA A 24 0.45 13.20 -14.94
N ASN A 25 -0.70 12.62 -14.59
CA ASN A 25 -0.81 11.88 -13.32
C ASN A 25 -0.65 12.74 -12.04
N ALA A 26 -0.85 14.04 -12.22
CA ALA A 26 -0.99 14.98 -11.12
C ALA A 26 -2.28 15.72 -11.38
N LEU A 27 -3.03 15.99 -10.32
CA LEU A 27 -4.40 16.35 -10.48
C LEU A 27 -4.81 17.46 -9.54
N LEU A 28 -5.78 18.26 -9.99
CA LEU A 28 -6.29 19.38 -9.24
C LEU A 28 -7.72 19.61 -9.71
N ALA A 29 -8.71 19.39 -8.85
CA ALA A 29 -10.11 19.32 -9.31
C ALA A 29 -11.14 19.92 -8.36
N ASN A 30 -12.28 20.32 -8.93
CA ASN A 30 -13.44 20.71 -8.17
C ASN A 30 -13.16 21.78 -7.15
N GLY A 31 -12.32 22.74 -7.54
CA GLY A 31 -12.09 23.93 -6.75
C GLY A 31 -10.76 23.93 -6.05
N MET A 32 -10.17 22.77 -5.89
CA MET A 32 -8.82 22.71 -5.34
C MET A 32 -7.95 23.52 -6.27
N ASP A 33 -7.10 24.37 -5.69
CA ASP A 33 -6.19 25.19 -6.47
C ASP A 33 -4.80 25.13 -5.83
N LEU A 34 -3.78 25.45 -6.63
CA LEU A 34 -2.41 25.44 -6.16
C LEU A 34 -1.78 26.81 -6.40
N LYS A 35 -1.60 27.59 -5.32
CA LYS A 35 -1.00 28.92 -5.40
C LYS A 35 0.16 29.05 -4.41
N ASP A 36 1.30 29.55 -4.88
CA ASP A 36 2.48 29.75 -4.04
C ASP A 36 2.87 28.47 -3.28
N ASN A 37 2.86 27.36 -4.01
CA ASN A 37 3.27 26.06 -3.46
C ASN A 37 2.35 25.48 -2.41
N GLN A 38 1.14 26.04 -2.31
CA GLN A 38 0.22 25.65 -1.29
C GLN A 38 -1.10 25.24 -1.91
N LEU A 39 -1.64 24.12 -1.45
CA LEU A 39 -2.96 23.72 -1.85
C LEU A 39 -3.96 24.59 -1.12
N VAL A 40 -5.02 25.00 -1.83
CA VAL A 40 -5.99 25.92 -1.29
C VAL A 40 -7.40 25.32 -1.37
N VAL A 41 -8.02 25.17 -0.21
CA VAL A 41 -9.34 24.60 -0.07
C VAL A 41 -10.43 25.54 -0.60
N PRO A 42 -11.34 25.04 -1.45
CA PRO A 42 -12.41 25.84 -2.00
C PRO A 42 -13.69 25.90 -1.16
N ALA A 43 -13.82 25.06 -0.14
CA ALA A 43 -15.00 25.17 0.76
C ALA A 43 -14.78 24.56 2.14
N ASP A 44 -15.41 25.16 3.16
CA ASP A 44 -15.38 24.60 4.51
C ASP A 44 -15.77 23.10 4.43
N GLY A 45 -15.09 22.26 5.20
CA GLY A 45 -15.42 20.82 5.23
C GLY A 45 -14.39 19.92 5.91
N LEU A 46 -14.65 18.61 5.90
CA LEU A 46 -13.64 17.62 6.30
C LEU A 46 -12.80 17.24 5.13
N TYR A 47 -11.51 17.06 5.38
CA TYR A 47 -10.56 16.71 4.34
C TYR A 47 -9.57 15.68 4.82
N LEU A 48 -9.21 14.77 3.92
CA LEU A 48 -8.08 13.88 4.12
C LEU A 48 -6.90 14.60 3.55
N VAL A 49 -5.88 14.74 4.34
CA VAL A 49 -4.69 15.45 3.92
C VAL A 49 -3.52 14.53 4.08
N TYR A 50 -2.76 14.37 3.01
CA TYR A 50 -1.70 13.40 2.99
C TYR A 50 -0.54 13.85 2.17
N SER A 51 0.62 13.34 2.50
CA SER A 51 1.83 13.64 1.79
C SER A 51 2.83 12.53 1.99
N GLN A 52 3.57 12.20 0.94
CA GLN A 52 4.64 11.29 1.06
C GLN A 52 5.94 11.91 0.53
N VAL A 53 7.05 11.56 1.17
CA VAL A 53 8.36 11.96 0.71
C VAL A 53 9.32 10.81 0.87
N LEU A 54 10.35 10.79 0.02
CA LEU A 54 11.35 9.74 0.03
C LEU A 54 12.73 10.38 0.15
N PHE A 55 13.45 10.05 1.23
CA PHE A 55 14.78 10.60 1.49
C PHE A 55 15.86 9.58 1.17
N LYS A 56 16.87 10.00 0.42
CA LYS A 56 17.95 9.11 -0.03
C LYS A 56 19.25 9.48 0.67
N GLY A 57 20.17 8.53 0.80
CA GLY A 57 21.56 8.84 1.20
C GLY A 57 22.54 7.67 1.01
N GLN A 58 23.80 7.98 0.69
CA GLN A 58 24.82 6.95 0.41
C GLN A 58 25.80 6.87 1.57
N GLY A 59 25.68 5.83 2.38
CA GLY A 59 26.40 5.77 3.64
C GLY A 59 26.00 6.95 4.52
N CYS A 60 26.64 7.08 5.67
CA CYS A 60 26.22 8.10 6.62
C CYS A 60 27.39 9.01 7.02
N PRO A 61 27.94 9.73 6.02
CA PRO A 61 29.06 10.63 6.23
C PRO A 61 28.82 11.60 7.41
N ASP A 62 27.92 12.58 7.21
CA ASP A 62 27.48 13.43 8.30
C ASP A 62 26.18 12.84 8.87
N TYR A 63 26.01 12.96 10.18
CA TYR A 63 24.74 12.66 10.85
C TYR A 63 23.71 13.70 10.43
N VAL A 64 22.57 13.24 9.94
CA VAL A 64 21.49 14.14 9.50
C VAL A 64 20.19 13.93 10.30
N LEU A 65 19.41 14.99 10.38
CA LEU A 65 18.02 14.91 10.83
C LEU A 65 17.10 15.38 9.73
N LEU A 66 16.06 14.60 9.44
CA LEU A 66 15.10 14.93 8.40
C LEU A 66 13.78 15.22 9.05
N THR A 67 13.11 16.27 8.58
CA THR A 67 11.77 16.54 9.01
C THR A 67 10.87 16.64 7.80
N HIS A 68 9.63 16.25 7.98
CA HIS A 68 8.61 16.36 6.96
C HIS A 68 7.38 16.89 7.67
N THR A 69 6.80 17.97 7.15
CA THR A 69 5.73 18.69 7.85
C THR A 69 4.64 19.15 6.89
N VAL A 70 3.40 18.85 7.20
CA VAL A 70 2.26 19.44 6.52
C VAL A 70 1.65 20.42 7.49
N SER A 71 1.27 21.60 7.00
CA SER A 71 0.84 22.72 7.87
C SER A 71 -0.27 23.53 7.24
N ARG A 72 -1.04 24.17 8.08
CA ARG A 72 -2.27 24.86 7.69
C ARG A 72 -2.13 26.35 7.96
N PHE A 73 -2.52 27.16 6.99
CA PHE A 73 -2.57 28.59 7.17
C PHE A 73 -3.99 29.03 7.03
N ALA A 74 -4.69 29.06 8.15
CA ALA A 74 -6.13 29.26 8.11
C ALA A 74 -6.49 30.73 7.96
N ILE A 75 -7.57 30.99 7.22
CA ILE A 75 -8.02 32.35 6.87
C ILE A 75 -8.86 32.99 7.99
N GLN A 78 -5.47 33.89 11.18
CA GLN A 78 -4.40 34.25 10.20
C GLN A 78 -2.99 33.71 10.56
N GLU A 79 -2.91 32.47 11.03
CA GLU A 79 -1.62 31.85 11.49
C GLU A 79 -1.39 30.39 11.02
N LYS A 80 -0.13 30.05 10.75
CA LYS A 80 0.23 28.69 10.31
C LYS A 80 0.18 27.75 11.48
N VAL A 81 -0.44 26.59 11.29
CA VAL A 81 -0.54 25.54 12.31
C VAL A 81 0.01 24.21 11.76
N ASN A 82 0.79 23.50 12.56
CA ASN A 82 1.21 22.15 12.16
C ASN A 82 0.05 21.20 12.17
N LEU A 83 -0.17 20.51 11.07
CA LEU A 83 -1.17 19.43 11.05
C LEU A 83 -0.54 18.04 11.20
N LEU A 84 0.59 17.83 10.53
CA LEU A 84 1.25 16.54 10.49
C LEU A 84 2.73 16.74 10.43
N SER A 85 3.46 16.04 11.29
CA SER A 85 4.88 16.22 11.38
C SER A 85 5.58 14.92 11.76
N ALA A 86 6.79 14.76 11.26
CA ALA A 86 7.59 13.59 11.58
C ALA A 86 9.06 13.93 11.45
N VAL A 87 9.87 13.24 12.25
CA VAL A 87 11.31 13.46 12.25
C VAL A 87 11.98 12.10 12.11
N LYS A 88 13.11 12.06 11.43
CA LYS A 88 13.85 10.82 11.26
C LYS A 88 15.35 11.10 11.35
N SER A 89 16.06 10.29 12.13
CA SER A 89 17.51 10.27 12.13
C SER A 89 17.92 8.96 11.52
N PRO A 90 18.14 8.96 10.19
CA PRO A 90 18.52 7.77 9.46
C PRO A 90 20.00 7.39 9.68
N CYS A 91 20.78 8.29 10.28
CA CYS A 91 22.21 8.13 10.44
C CYS A 91 22.64 7.88 11.86
N PRO A 92 23.66 7.03 11.99
CA PRO A 92 24.34 6.42 13.10
C PRO A 92 25.04 7.42 14.03
N LYS A 93 25.45 8.57 13.50
CA LYS A 93 26.31 9.49 14.26
C LYS A 93 27.66 8.83 14.63
N ASP A 94 28.10 7.86 13.83
CA ASP A 94 29.37 7.16 14.03
C ASP A 94 30.46 7.77 13.13
N GLU A 100 31.98 0.33 5.28
CA GLU A 100 31.27 0.31 4.00
C GLU A 100 30.14 1.33 3.95
N LEU A 101 30.16 2.19 2.93
CA LEU A 101 29.11 3.19 2.70
C LEU A 101 27.91 2.57 1.91
N LYS A 102 26.97 1.97 2.64
CA LYS A 102 25.72 1.39 2.06
C LYS A 102 24.65 2.49 1.89
N PRO A 103 23.87 2.45 0.79
CA PRO A 103 22.83 3.48 0.59
C PRO A 103 21.59 3.24 1.44
N TRP A 104 20.96 4.32 1.89
CA TRP A 104 19.75 4.23 2.70
C TRP A 104 18.57 4.99 2.09
N TYR A 105 17.38 4.47 2.33
CA TYR A 105 16.16 5.11 1.89
C TYR A 105 15.22 5.21 3.07
N GLU A 106 14.65 6.40 3.24
CA GLU A 106 13.74 6.70 4.32
C GLU A 106 12.51 7.33 3.73
N PRO A 107 11.42 6.55 3.56
CA PRO A 107 10.16 7.18 3.19
C PRO A 107 9.46 7.74 4.41
N ILE A 108 8.66 8.77 4.23
CA ILE A 108 7.83 9.28 5.28
C ILE A 108 6.47 9.58 4.67
N TYR A 109 5.43 9.03 5.28
CA TYR A 109 4.06 9.29 4.89
C TYR A 109 3.34 9.94 6.04
N LEU A 110 2.64 11.02 5.76
CA LEU A 110 1.75 11.61 6.73
C LEU A 110 0.38 11.71 6.16
N GLY A 111 -0.62 11.50 7.00
CA GLY A 111 -1.97 11.57 6.58
C GLY A 111 -2.85 11.80 7.77
N GLY A 112 -3.93 12.53 7.57
CA GLY A 112 -4.90 12.72 8.61
C GLY A 112 -6.13 13.38 8.08
N VAL A 113 -7.19 13.34 8.88
CA VAL A 113 -8.43 14.01 8.52
C VAL A 113 -8.52 15.33 9.27
N PHE A 114 -8.92 16.39 8.57
CA PHE A 114 -8.98 17.72 9.18
C PHE A 114 -10.20 18.50 8.76
N GLN A 115 -10.79 19.20 9.73
CA GLN A 115 -11.79 20.22 9.46
C GLN A 115 -11.07 21.47 8.90
N LEU A 116 -11.56 22.00 7.79
CA LEU A 116 -10.94 23.16 7.14
C LEU A 116 -12.01 24.11 6.67
N GLU A 117 -11.61 25.35 6.40
CA GLU A 117 -12.52 26.40 5.94
C GLU A 117 -12.12 26.87 4.55
N LYS A 118 -13.09 27.33 3.76
CA LYS A 118 -12.79 27.90 2.42
C LYS A 118 -11.64 28.87 2.54
N GLY A 119 -10.63 28.71 1.68
CA GLY A 119 -9.52 29.65 1.61
C GLY A 119 -8.31 29.24 2.40
N ASP A 120 -8.46 28.25 3.30
CA ASP A 120 -7.32 27.76 4.08
C ASP A 120 -6.27 27.24 3.11
N GLN A 121 -5.01 27.49 3.42
CA GLN A 121 -3.92 27.08 2.55
C GLN A 121 -3.04 26.05 3.24
N LEU A 122 -2.92 24.89 2.61
CA LEU A 122 -2.13 23.82 3.17
C LEU A 122 -0.80 23.82 2.48
N SER A 123 0.25 23.52 3.23
CA SER A 123 1.59 23.42 2.69
C SER A 123 2.27 22.16 3.19
N ALA A 124 3.14 21.60 2.36
CA ALA A 124 3.86 20.38 2.69
C ALA A 124 5.30 20.58 2.34
N GLU A 125 6.17 20.51 3.35
CA GLU A 125 7.57 20.80 3.14
C GLU A 125 8.47 19.92 4.00
N VAL A 126 9.75 19.96 3.69
CA VAL A 126 10.77 19.23 4.42
C VAL A 126 11.88 20.19 4.76
N ASN A 127 12.76 19.81 5.68
CA ASN A 127 13.88 20.69 6.06
C ASN A 127 15.00 20.66 5.04
N LEU A 128 15.31 19.49 4.49
CA LEU A 128 16.47 19.33 3.60
C LEU A 128 16.07 18.70 2.25
N PRO A 129 15.61 19.53 1.32
CA PRO A 129 15.25 19.05 -0.01
C PRO A 129 16.38 18.34 -0.72
N LYS A 130 17.62 18.73 -0.45
CA LYS A 130 18.75 18.07 -1.11
C LYS A 130 18.73 16.55 -0.89
N TYR A 131 18.20 16.11 0.26
CA TYR A 131 18.14 14.68 0.61
C TYR A 131 16.95 13.95 0.00
N LEU A 132 16.02 14.69 -0.62
CA LEU A 132 14.88 14.08 -1.29
C LEU A 132 15.35 13.24 -2.44
N ASP A 133 14.48 12.35 -2.89
CA ASP A 133 14.80 11.43 -3.94
C ASP A 133 13.91 11.66 -5.14
N PHE A 134 14.34 12.57 -6.05
CA PHE A 134 13.61 12.86 -7.27
C PHE A 134 14.11 11.99 -8.45
N ALA A 135 14.68 10.84 -8.14
CA ALA A 135 15.13 9.92 -9.16
C ALA A 135 13.99 9.62 -10.07
N GLU A 136 12.91 9.07 -9.52
CA GLU A 136 11.77 8.62 -10.31
C GLU A 136 10.47 9.27 -9.83
N SER A 137 9.43 9.16 -10.64
CA SER A 137 8.13 9.72 -10.31
C SER A 137 7.39 8.78 -9.40
N GLY A 138 6.42 9.33 -8.67
CA GLY A 138 5.62 8.54 -7.74
C GLY A 138 6.18 8.55 -6.34
N GLN A 139 7.37 9.13 -6.12
CA GLN A 139 8.05 9.00 -4.83
C GLN A 139 7.77 10.19 -3.89
N VAL A 140 7.35 11.32 -4.45
CA VAL A 140 7.05 12.50 -3.64
C VAL A 140 5.75 13.20 -4.06
N TYR A 141 4.76 13.22 -3.18
CA TYR A 141 3.48 13.81 -3.49
C TYR A 141 2.78 14.41 -2.29
N PHE A 142 1.77 15.22 -2.58
CA PHE A 142 1.04 15.99 -1.59
C PHE A 142 -0.36 16.08 -2.15
N GLY A 143 -1.34 15.70 -1.34
CA GLY A 143 -2.67 15.51 -1.85
C GLY A 143 -3.72 15.79 -0.83
N VAL A 144 -4.92 16.10 -1.30
CA VAL A 144 -6.02 16.51 -0.45
C VAL A 144 -7.31 15.93 -1.02
N ILE A 145 -8.14 15.35 -0.16
CA ILE A 145 -9.43 14.81 -0.58
C ILE A 145 -10.56 15.25 0.37
N ALA A 146 -11.57 15.88 -0.20
CA ALA A 146 -12.72 16.33 0.56
C ALA A 146 -13.59 15.13 0.90
N LEU A 147 -13.89 14.94 2.17
CA LEU A 147 -14.76 13.84 2.58
C LEU A 147 -16.21 14.25 2.45
N ASP B 1 -23.00 1.71 -7.38
CA ASP B 1 -23.09 2.36 -8.74
C ASP B 1 -21.70 2.53 -9.41
N LYS B 2 -20.75 3.05 -8.64
CA LYS B 2 -19.42 3.47 -9.14
C LYS B 2 -18.44 2.30 -9.20
N PRO B 3 -17.63 2.20 -10.28
CA PRO B 3 -16.60 1.13 -10.37
C PRO B 3 -15.69 1.07 -9.14
N VAL B 4 -15.51 -0.13 -8.60
CA VAL B 4 -14.59 -0.36 -7.51
C VAL B 4 -13.89 -1.69 -7.65
N ALA B 5 -12.70 -1.77 -7.06
CA ALA B 5 -11.93 -2.98 -7.08
C ALA B 5 -11.13 -3.07 -5.80
N HIS B 6 -11.13 -4.26 -5.22
CA HIS B 6 -10.21 -4.60 -4.15
C HIS B 6 -9.74 -6.02 -4.40
N VAL B 7 -8.48 -6.16 -4.80
CA VAL B 7 -7.93 -7.46 -5.07
C VAL B 7 -6.77 -7.72 -4.14
N VAL B 8 -6.49 -9.01 -3.92
CA VAL B 8 -5.60 -9.42 -2.87
C VAL B 8 -4.57 -10.39 -3.41
N ALA B 9 -3.47 -10.51 -2.69
CA ALA B 9 -2.41 -11.35 -3.13
C ALA B 9 -2.84 -12.81 -3.14
N ASN B 10 -2.36 -13.53 -4.13
CA ASN B 10 -2.41 -15.00 -4.13
C ASN B 10 -1.33 -15.60 -3.23
N HIS B 11 -1.74 -16.27 -2.14
CA HIS B 11 -0.82 -16.91 -1.19
C HIS B 11 -0.18 -18.17 -1.80
N GLN B 12 -0.94 -18.87 -2.64
CA GLN B 12 -0.47 -20.15 -3.18
C GLN B 12 0.72 -19.98 -4.14
N VAL B 13 0.93 -18.76 -4.67
CA VAL B 13 2.04 -18.48 -5.63
C VAL B 13 3.09 -17.53 -5.07
N GLU B 14 3.90 -18.03 -4.15
CA GLU B 14 5.13 -17.30 -3.70
C GLU B 14 6.13 -17.15 -4.87
N GLU B 15 6.88 -16.06 -4.87
CA GLU B 15 7.85 -15.77 -5.98
C GLU B 15 7.25 -14.91 -7.09
N GLN B 16 5.96 -14.59 -6.98
CA GLN B 16 5.29 -13.62 -7.87
C GLN B 16 4.10 -12.99 -7.11
N LEU B 17 3.91 -11.69 -7.28
CA LEU B 17 2.78 -11.02 -6.63
C LEU B 17 1.60 -11.08 -7.57
N GLU B 18 0.75 -12.08 -7.38
CA GLU B 18 -0.41 -12.31 -8.26
C GLU B 18 -1.72 -11.88 -7.60
N TRP B 19 -2.46 -10.99 -8.25
CA TRP B 19 -3.70 -10.46 -7.68
C TRP B 19 -4.88 -11.38 -7.94
N LEU B 20 -5.74 -11.53 -6.92
CA LEU B 20 -6.97 -12.37 -7.01
C LEU B 20 -8.23 -11.58 -6.69
N SER B 21 -9.30 -11.84 -7.44
CA SER B 21 -10.56 -11.16 -7.21
C SER B 21 -11.56 -12.10 -6.51
N GLN B 22 -11.50 -13.40 -6.84
CA GLN B 22 -12.50 -14.37 -6.37
C GLN B 22 -12.16 -14.93 -5.00
N ARG B 23 -12.34 -14.08 -4.00
CA ARG B 23 -12.13 -14.41 -2.62
C ARG B 23 -13.12 -13.60 -1.78
N ALA B 24 -13.58 -14.15 -0.66
CA ALA B 24 -14.42 -13.36 0.26
C ALA B 24 -13.62 -12.13 0.66
N ASN B 25 -14.28 -10.97 0.69
CA ASN B 25 -13.59 -9.69 1.00
C ASN B 25 -12.47 -9.29 0.00
N ALA B 26 -12.59 -9.80 -1.22
CA ALA B 26 -11.95 -9.26 -2.38
C ALA B 26 -13.07 -8.94 -3.32
N LEU B 27 -12.95 -7.88 -4.07
CA LEU B 27 -14.09 -7.39 -4.84
C LEU B 27 -13.68 -6.79 -6.18
N LEU B 28 -14.60 -6.88 -7.14
CA LEU B 28 -14.41 -6.36 -8.46
C LEU B 28 -15.81 -6.03 -8.99
N ALA B 29 -16.11 -4.75 -9.20
CA ALA B 29 -17.49 -4.35 -9.45
C ALA B 29 -17.67 -3.22 -10.44
N ASN B 30 -18.86 -3.18 -11.03
CA ASN B 30 -19.28 -2.02 -11.82
C ASN B 30 -18.32 -1.63 -12.92
N GLY B 31 -17.75 -2.66 -13.57
CA GLY B 31 -16.95 -2.46 -14.75
C GLY B 31 -15.47 -2.63 -14.51
N MET B 32 -15.06 -2.51 -13.25
CA MET B 32 -13.68 -2.80 -12.91
C MET B 32 -13.43 -4.22 -13.33
N ASP B 33 -12.31 -4.45 -13.97
CA ASP B 33 -11.94 -5.78 -14.42
C ASP B 33 -10.48 -6.03 -14.08
N LEU B 34 -10.12 -7.30 -14.02
CA LEU B 34 -8.75 -7.70 -13.72
C LEU B 34 -8.21 -8.59 -14.84
N LYS B 35 -7.32 -8.04 -15.66
CA LYS B 35 -6.72 -8.78 -16.80
C LYS B 35 -5.19 -8.68 -16.73
N ASP B 36 -4.51 -9.81 -16.88
CA ASP B 36 -3.04 -9.87 -16.86
C ASP B 36 -2.49 -9.17 -15.61
N ASN B 37 -3.08 -9.45 -14.47
CA ASN B 37 -2.62 -8.93 -13.18
C ASN B 37 -2.75 -7.41 -13.02
N GLN B 38 -3.54 -6.80 -13.89
CA GLN B 38 -3.71 -5.38 -13.89
C GLN B 38 -5.18 -5.04 -13.76
N LEU B 39 -5.49 -4.07 -12.89
CA LEU B 39 -6.83 -3.54 -12.80
C LEU B 39 -7.07 -2.63 -14.00
N VAL B 40 -8.28 -2.72 -14.57
CA VAL B 40 -8.61 -1.99 -15.79
C VAL B 40 -9.85 -1.12 -15.60
N VAL B 41 -9.66 0.16 -15.78
CA VAL B 41 -10.71 1.16 -15.60
C VAL B 41 -11.76 1.09 -16.70
N PRO B 42 -13.04 1.05 -16.34
CA PRO B 42 -14.11 0.96 -17.32
C PRO B 42 -14.62 2.30 -17.83
N ALA B 43 -14.24 3.42 -17.21
CA ALA B 43 -14.63 4.73 -17.75
C ALA B 43 -13.74 5.89 -17.30
N ASP B 44 -13.58 6.89 -18.18
CA ASP B 44 -12.85 8.10 -17.83
C ASP B 44 -13.40 8.61 -16.50
N GLY B 45 -12.51 9.08 -15.61
CA GLY B 45 -12.95 9.67 -14.33
C GLY B 45 -11.86 9.88 -13.30
N LEU B 46 -12.26 10.35 -12.13
CA LEU B 46 -11.37 10.44 -10.97
C LEU B 46 -11.42 9.15 -10.16
N TYR B 47 -10.25 8.71 -9.70
CA TYR B 47 -10.14 7.43 -8.98
C TYR B 47 -9.19 7.53 -7.83
N LEU B 48 -9.54 6.84 -6.77
CA LEU B 48 -8.70 6.63 -5.64
C LEU B 48 -7.95 5.35 -5.92
N VAL B 49 -6.63 5.41 -5.89
CA VAL B 49 -5.82 4.24 -6.18
C VAL B 49 -4.92 3.94 -5.04
N TYR B 50 -4.92 2.71 -4.57
CA TYR B 50 -4.17 2.36 -3.40
C TYR B 50 -3.65 0.94 -3.45
N SER B 51 -2.62 0.69 -2.67
CA SER B 51 -2.08 -0.64 -2.52
C SER B 51 -1.30 -0.74 -1.23
N GLN B 52 -1.37 -1.92 -0.60
CA GLN B 52 -0.53 -2.20 0.55
C GLN B 52 0.24 -3.47 0.33
N VAL B 53 1.45 -3.51 0.85
CA VAL B 53 2.22 -4.73 0.88
C VAL B 53 2.93 -4.83 2.22
N LEU B 54 3.20 -6.06 2.64
CA LEU B 54 3.86 -6.32 3.89
C LEU B 54 5.08 -7.18 3.64
N PHE B 55 6.25 -6.68 4.01
CA PHE B 55 7.51 -7.40 3.77
C PHE B 55 8.02 -8.02 5.07
N LYS B 56 8.38 -9.31 5.00
CA LYS B 56 8.82 -10.09 6.15
C LYS B 56 10.30 -10.45 5.98
N GLY B 57 11.01 -10.55 7.10
CA GLY B 57 12.38 -11.03 7.04
C GLY B 57 12.90 -11.49 8.37
N GLN B 58 13.70 -12.54 8.35
CA GLN B 58 14.20 -13.16 9.57
C GLN B 58 15.65 -12.82 9.73
N GLY B 59 15.94 -11.91 10.66
CA GLY B 59 17.30 -11.35 10.79
C GLY B 59 17.68 -10.58 9.52
N CYS B 60 18.90 -10.05 9.49
CA CYS B 60 19.35 -9.29 8.32
C CYS B 60 20.66 -9.86 7.77
N PRO B 61 20.64 -11.12 7.30
CA PRO B 61 21.83 -11.78 6.73
C PRO B 61 22.41 -10.95 5.61
N ASP B 62 21.69 -10.88 4.48
CA ASP B 62 22.06 -10.01 3.39
C ASP B 62 21.30 -8.69 3.50
N TYR B 63 21.96 -7.59 3.14
CA TYR B 63 21.34 -6.26 3.01
C TYR B 63 20.40 -6.26 1.81
N VAL B 64 19.14 -5.88 2.03
CA VAL B 64 18.13 -5.85 0.97
C VAL B 64 17.57 -4.44 0.74
N LEU B 65 17.11 -4.19 -0.50
CA LEU B 65 16.25 -3.05 -0.81
C LEU B 65 14.92 -3.56 -1.33
N LEU B 66 13.85 -3.00 -0.80
CA LEU B 66 12.53 -3.35 -1.23
C LEU B 66 11.90 -2.16 -1.94
N THR B 67 11.23 -2.42 -3.05
CA THR B 67 10.47 -1.41 -3.72
C THR B 67 9.05 -1.87 -3.87
N HIS B 68 8.13 -0.89 -3.87
CA HIS B 68 6.71 -1.14 -4.10
C HIS B 68 6.22 -0.03 -4.99
N THR B 69 5.58 -0.39 -6.10
CA THR B 69 5.17 0.61 -7.08
C THR B 69 3.82 0.33 -7.69
N VAL B 70 2.99 1.37 -7.75
CA VAL B 70 1.75 1.33 -8.49
C VAL B 70 1.97 2.18 -9.70
N SER B 71 1.52 1.68 -10.85
CA SER B 71 1.86 2.31 -12.13
C SER B 71 0.71 2.24 -13.11
N ARG B 72 0.71 3.18 -14.05
CA ARG B 72 -0.40 3.35 -14.97
C ARG B 72 0.06 3.08 -16.39
N PHE B 73 -0.73 2.31 -17.12
CA PHE B 73 -0.47 2.06 -18.51
C PHE B 73 -1.64 2.63 -19.29
N ALA B 74 -1.53 3.90 -19.64
CA ALA B 74 -2.65 4.60 -20.21
C ALA B 74 -2.80 4.33 -21.68
N ILE B 75 -4.04 4.43 -22.15
CA ILE B 75 -4.28 4.50 -23.57
C ILE B 75 -3.53 5.72 -24.11
N SER B 76 -3.70 6.86 -23.45
CA SER B 76 -3.10 8.12 -23.88
C SER B 76 -1.59 8.01 -24.06
N TYR B 77 -0.93 7.18 -23.23
CA TYR B 77 0.54 6.98 -23.34
C TYR B 77 0.93 5.59 -23.83
N GLN B 78 0.75 4.55 -23.03
CA GLN B 78 1.01 3.17 -23.51
C GLN B 78 2.44 2.70 -23.23
N GLU B 79 3.02 3.28 -22.19
CA GLU B 79 4.23 2.74 -21.54
C GLU B 79 3.90 2.81 -20.04
N LYS B 80 4.56 1.99 -19.22
CA LYS B 80 4.26 1.96 -17.75
C LYS B 80 4.84 3.20 -17.09
N VAL B 81 4.00 3.94 -16.37
CA VAL B 81 4.41 5.17 -15.68
C VAL B 81 4.04 5.08 -14.20
N ASN B 82 4.99 5.44 -13.35
CA ASN B 82 4.75 5.46 -11.93
C ASN B 82 3.68 6.45 -11.53
N LEU B 83 2.73 5.98 -10.72
CA LEU B 83 1.80 6.84 -9.99
C LEU B 83 2.20 6.97 -8.52
N LEU B 84 2.65 5.88 -7.93
CA LEU B 84 2.98 5.81 -6.52
C LEU B 84 4.14 4.84 -6.33
N SER B 85 5.17 5.27 -5.62
CA SER B 85 6.37 4.46 -5.47
C SER B 85 7.08 4.71 -4.15
N ALA B 86 7.72 3.68 -3.64
CA ALA B 86 8.41 3.78 -2.37
C ALA B 86 9.52 2.74 -2.30
N VAL B 87 10.58 3.08 -1.56
CA VAL B 87 11.75 2.24 -1.40
C VAL B 87 12.07 2.15 0.09
N LYS B 88 12.53 0.99 0.52
CA LYS B 88 12.84 0.80 1.90
C LYS B 88 14.08 -0.07 2.03
N SER B 89 14.97 0.33 2.94
CA SER B 89 16.11 -0.49 3.35
C SER B 89 15.89 -0.89 4.80
N PRO B 90 15.30 -2.09 5.02
CA PRO B 90 15.03 -2.58 6.35
C PRO B 90 16.28 -3.14 7.05
N CYS B 91 17.36 -3.33 6.30
CA CYS B 91 18.59 -3.96 6.81
C CYS B 91 19.78 -3.00 6.90
N PRO B 92 20.54 -3.08 8.01
CA PRO B 92 21.82 -2.41 8.28
C PRO B 92 22.76 -2.47 7.06
N GLU B 100 21.60 -13.36 17.08
CA GLU B 100 20.25 -13.93 16.87
C GLU B 100 19.56 -13.29 15.67
N LEU B 101 18.95 -14.13 14.83
CA LEU B 101 18.14 -13.67 13.70
C LEU B 101 16.73 -13.28 14.21
N LYS B 102 16.58 -12.01 14.63
CA LYS B 102 15.29 -11.44 15.03
C LYS B 102 14.48 -11.09 13.77
N PRO B 103 13.17 -11.42 13.75
CA PRO B 103 12.37 -11.14 12.56
C PRO B 103 11.92 -9.67 12.45
N TRP B 104 11.83 -9.18 11.21
CA TRP B 104 11.35 -7.81 10.95
C TRP B 104 10.14 -7.79 10.01
N TYR B 105 9.30 -6.77 10.21
CA TYR B 105 8.16 -6.54 9.34
C TYR B 105 8.15 -5.11 8.86
N GLU B 106 7.96 -4.93 7.56
CA GLU B 106 7.89 -3.59 6.97
C GLU B 106 6.72 -3.50 6.01
N PRO B 107 5.68 -2.75 6.43
CA PRO B 107 4.56 -2.49 5.55
C PRO B 107 4.84 -1.30 4.68
N ILE B 108 4.20 -1.26 3.53
CA ILE B 108 4.25 -0.09 2.67
C ILE B 108 2.83 0.08 2.14
N TYR B 109 2.28 1.28 2.36
CA TYR B 109 0.93 1.64 1.86
C TYR B 109 1.09 2.86 0.93
N LEU B 110 0.53 2.76 -0.27
CA LEU B 110 0.52 3.86 -1.19
C LEU B 110 -0.91 4.14 -1.55
N GLY B 111 -1.24 5.41 -1.70
CA GLY B 111 -2.58 5.80 -2.07
C GLY B 111 -2.56 7.17 -2.68
N GLY B 112 -3.46 7.40 -3.62
CA GLY B 112 -3.60 8.73 -4.22
C GLY B 112 -4.82 8.82 -5.13
N VAL B 113 -5.15 10.05 -5.53
CA VAL B 113 -6.29 10.30 -6.44
C VAL B 113 -5.78 10.58 -7.81
N PHE B 114 -6.39 9.98 -8.81
CA PHE B 114 -5.91 10.13 -10.17
C PHE B 114 -7.04 10.25 -11.20
N GLN B 115 -6.85 11.16 -12.14
CA GLN B 115 -7.65 11.21 -13.35
C GLN B 115 -7.22 10.06 -14.26
N LEU B 116 -8.19 9.29 -14.75
CA LEU B 116 -7.90 8.15 -15.61
C LEU B 116 -8.90 8.12 -16.76
N GLU B 117 -8.57 7.35 -17.80
CA GLU B 117 -9.44 7.19 -18.95
C GLU B 117 -9.86 5.73 -19.11
N LYS B 118 -11.05 5.49 -19.70
CA LYS B 118 -11.52 4.12 -20.01
C LYS B 118 -10.38 3.35 -20.64
N GLY B 119 -10.11 2.17 -20.09
CA GLY B 119 -9.14 1.24 -20.69
C GLY B 119 -7.75 1.34 -20.09
N ASP B 120 -7.48 2.40 -19.31
CA ASP B 120 -6.19 2.51 -18.62
C ASP B 120 -6.03 1.31 -17.71
N GLN B 121 -4.81 0.78 -17.63
CA GLN B 121 -4.54 -0.41 -16.83
C GLN B 121 -3.59 -0.07 -15.72
N LEU B 122 -4.00 -0.33 -14.50
CA LEU B 122 -3.17 -0.04 -13.35
C LEU B 122 -2.54 -1.33 -12.90
N SER B 123 -1.30 -1.23 -12.43
CA SER B 123 -0.58 -2.38 -11.94
C SER B 123 0.08 -2.03 -10.63
N ALA B 124 0.21 -3.04 -9.78
CA ALA B 124 0.84 -2.87 -8.48
C ALA B 124 1.80 -4.03 -8.26
N GLU B 125 3.09 -3.73 -8.16
CA GLU B 125 4.10 -4.78 -8.06
C GLU B 125 5.23 -4.38 -7.12
N VAL B 126 6.06 -5.37 -6.78
CA VAL B 126 7.22 -5.16 -5.92
C VAL B 126 8.41 -5.78 -6.59
N ASN B 127 9.61 -5.46 -6.11
CA ASN B 127 10.80 -6.04 -6.72
C ASN B 127 11.07 -7.46 -6.27
N LEU B 128 10.84 -7.76 -5.01
CA LEU B 128 11.19 -9.06 -4.43
C LEU B 128 9.98 -9.72 -3.74
N PRO B 129 9.15 -10.43 -4.53
CA PRO B 129 8.00 -11.14 -3.97
C PRO B 129 8.37 -12.13 -2.88
N LYS B 130 9.55 -12.72 -2.96
CA LYS B 130 9.98 -13.69 -1.94
C LYS B 130 9.91 -13.07 -0.54
N TYR B 131 10.12 -11.76 -0.44
CA TYR B 131 10.08 -11.07 0.86
C TYR B 131 8.69 -10.69 1.35
N LEU B 132 7.69 -10.85 0.49
CA LEU B 132 6.29 -10.55 0.88
C LEU B 132 5.83 -11.49 1.95
N ASP B 133 4.74 -11.11 2.63
CA ASP B 133 4.20 -11.84 3.76
C ASP B 133 2.79 -12.29 3.50
N PHE B 134 2.64 -13.47 2.91
CA PHE B 134 1.32 -14.02 2.62
C PHE B 134 0.80 -14.91 3.73
N ALA B 135 1.31 -14.70 4.95
CA ALA B 135 0.88 -15.49 6.09
C ALA B 135 -0.61 -15.43 6.21
N GLU B 136 -1.14 -14.22 6.37
CA GLU B 136 -2.57 -14.02 6.59
C GLU B 136 -3.18 -13.09 5.55
N SER B 137 -4.50 -13.07 5.49
CA SER B 137 -5.23 -12.20 4.59
C SER B 137 -5.31 -10.82 5.16
N GLY B 138 -5.52 -9.85 4.28
CA GLY B 138 -5.57 -8.44 4.67
C GLY B 138 -4.25 -7.72 4.61
N GLN B 139 -3.15 -8.45 4.32
CA GLN B 139 -1.81 -7.85 4.44
C GLN B 139 -1.27 -7.38 3.12
N VAL B 140 -1.80 -7.93 2.01
CA VAL B 140 -1.39 -7.50 0.68
C VAL B 140 -2.57 -7.29 -0.25
N TYR B 141 -2.79 -6.06 -0.66
CA TYR B 141 -3.92 -5.74 -1.50
C TYR B 141 -3.67 -4.59 -2.44
N PHE B 142 -4.57 -4.46 -3.40
CA PHE B 142 -4.45 -3.47 -4.46
C PHE B 142 -5.87 -3.15 -4.86
N GLY B 143 -6.21 -1.88 -4.87
CA GLY B 143 -7.59 -1.49 -5.01
C GLY B 143 -7.77 -0.18 -5.71
N VAL B 144 -8.99 0.02 -6.23
CA VAL B 144 -9.33 1.20 -7.00
C VAL B 144 -10.77 1.62 -6.71
N ILE B 145 -11.00 2.90 -6.47
CA ILE B 145 -12.35 3.42 -6.23
C ILE B 145 -12.64 4.65 -7.08
N ALA B 146 -13.71 4.57 -7.85
CA ALA B 146 -14.14 5.69 -8.67
C ALA B 146 -14.80 6.73 -7.78
N LEU B 147 -14.32 7.96 -7.83
CA LEU B 147 -14.96 9.06 -7.11
C LEU B 147 -16.18 9.59 -7.87
N ASP C 1 -26.72 11.89 3.10
CA ASP C 1 -27.60 10.72 2.75
C ASP C 1 -27.00 9.37 3.19
N LYS C 2 -25.74 9.17 2.82
CA LYS C 2 -25.04 7.87 2.90
C LYS C 2 -24.41 7.64 4.26
N PRO C 3 -24.53 6.40 4.80
CA PRO C 3 -23.92 6.10 6.11
C PRO C 3 -22.45 6.43 6.15
N VAL C 4 -22.03 7.13 7.20
CA VAL C 4 -20.61 7.39 7.44
C VAL C 4 -20.25 7.30 8.90
N ALA C 5 -19.01 6.97 9.17
CA ALA C 5 -18.50 6.91 10.50
C ALA C 5 -17.06 7.35 10.49
N HIS C 6 -16.72 8.20 11.44
CA HIS C 6 -15.33 8.53 11.71
C HIS C 6 -15.20 8.58 13.21
N VAL C 7 -14.59 7.57 13.80
CA VAL C 7 -14.46 7.51 15.23
C VAL C 7 -12.99 7.55 15.57
N VAL C 8 -12.70 8.01 16.77
CA VAL C 8 -11.34 8.32 17.17
C VAL C 8 -11.04 7.67 18.49
N ALA C 9 -9.76 7.54 18.76
CA ALA C 9 -9.33 6.89 19.99
C ALA C 9 -9.72 7.71 21.22
N ASN C 10 -10.11 6.99 22.27
CA ASN C 10 -10.24 7.57 23.60
C ASN C 10 -8.87 7.75 24.27
N HIS C 11 -8.46 8.99 24.49
CA HIS C 11 -7.15 9.27 25.13
C HIS C 11 -7.19 9.02 26.64
N GLN C 12 -8.36 9.22 27.25
CA GLN C 12 -8.52 9.04 28.70
C GLN C 12 -8.38 7.56 29.13
N VAL C 13 -8.50 6.62 28.20
CA VAL C 13 -8.40 5.18 28.51
C VAL C 13 -7.19 4.52 27.83
N GLU C 14 -5.99 4.82 28.34
CA GLU C 14 -4.78 4.10 27.92
C GLU C 14 -4.83 2.62 28.37
N GLU C 15 -4.23 1.73 27.59
CA GLU C 15 -4.28 0.25 27.85
C GLU C 15 -5.42 -0.45 27.11
N GLN C 16 -6.23 0.33 26.38
CA GLN C 16 -7.25 -0.21 25.50
C GLN C 16 -7.49 0.79 24.37
N LEU C 17 -7.67 0.31 23.14
CA LEU C 17 -8.01 1.20 22.04
C LEU C 17 -9.52 1.30 21.95
N GLU C 18 -10.07 2.31 22.59
CA GLU C 18 -11.51 2.47 22.67
C GLU C 18 -11.95 3.58 21.73
N TRP C 19 -12.87 3.25 20.84
CA TRP C 19 -13.34 4.20 19.85
C TRP C 19 -14.43 5.11 20.40
N LEU C 20 -14.38 6.40 20.05
CA LEU C 20 -15.36 7.40 20.47
C LEU C 20 -16.03 8.06 19.29
N SER C 21 -17.35 8.27 19.39
CA SER C 21 -18.11 8.87 18.31
C SER C 21 -18.38 10.35 18.48
N GLN C 22 -18.41 10.82 19.72
CA GLN C 22 -18.52 12.25 20.01
C GLN C 22 -17.19 12.81 20.53
N ARG C 23 -16.44 13.51 19.68
CA ARG C 23 -15.03 13.76 19.98
C ARG C 23 -14.42 14.74 18.95
N ALA C 24 -13.08 14.78 18.89
CA ALA C 24 -12.36 15.92 18.33
C ALA C 24 -12.77 16.24 16.92
N ASN C 25 -12.68 15.25 16.06
CA ASN C 25 -13.19 15.37 14.71
C ASN C 25 -13.92 14.11 14.39
N ALA C 26 -15.02 13.84 15.09
CA ALA C 26 -15.58 12.51 15.09
C ALA C 26 -17.03 12.51 14.71
N LEU C 27 -17.46 11.50 13.98
CA LEU C 27 -18.83 11.47 13.55
C LEU C 27 -19.40 10.05 13.34
N LEU C 28 -20.72 9.97 13.39
CA LEU C 28 -21.46 8.73 13.25
C LEU C 28 -22.81 9.12 12.68
N ALA C 29 -23.09 8.71 11.46
CA ALA C 29 -24.26 9.25 10.76
C ALA C 29 -25.01 8.26 9.87
N ASN C 30 -26.28 8.56 9.61
CA ASN C 30 -27.08 7.87 8.60
C ASN C 30 -27.09 6.36 8.77
N GLY C 31 -27.15 5.91 10.03
CA GLY C 31 -27.36 4.52 10.34
C GLY C 31 -26.13 3.83 10.86
N MET C 32 -24.96 4.40 10.59
CA MET C 32 -23.73 3.88 11.17
C MET C 32 -23.91 3.95 12.66
N ASP C 33 -23.58 2.87 13.35
CA ASP C 33 -23.69 2.82 14.79
C ASP C 33 -22.44 2.21 15.35
N LEU C 34 -22.18 2.49 16.61
CA LEU C 34 -20.98 2.03 17.28
C LEU C 34 -21.39 1.25 18.53
N LYS C 35 -21.28 -0.08 18.46
CA LYS C 35 -21.66 -0.93 19.57
C LYS C 35 -20.50 -1.89 19.90
N ASP C 36 -20.16 -1.97 21.18
CA ASP C 36 -19.10 -2.87 21.66
C ASP C 36 -17.78 -2.63 20.91
N ASN C 37 -17.46 -1.35 20.71
CA ASN C 37 -16.22 -0.92 20.04
C ASN C 37 -16.12 -1.28 18.56
N GLN C 38 -17.26 -1.64 17.97
CA GLN C 38 -17.32 -2.09 16.59
C GLN C 38 -18.28 -1.22 15.80
N LEU C 39 -17.86 -0.79 14.63
CA LEU C 39 -18.73 -0.07 13.72
C LEU C 39 -19.67 -1.08 13.09
N VAL C 40 -20.94 -0.70 12.96
CA VAL C 40 -21.97 -1.61 12.49
C VAL C 40 -22.70 -1.01 11.29
N VAL C 41 -22.62 -1.72 10.17
CA VAL C 41 -23.18 -1.28 8.91
C VAL C 41 -24.69 -1.37 8.93
N PRO C 42 -25.38 -0.28 8.51
CA PRO C 42 -26.84 -0.26 8.50
C PRO C 42 -27.48 -0.75 7.23
N ALA C 43 -26.72 -0.92 6.17
CA ALA C 43 -27.29 -1.52 4.94
C ALA C 43 -26.26 -2.16 4.01
N ASP C 44 -26.68 -3.21 3.31
CA ASP C 44 -25.83 -3.83 2.31
C ASP C 44 -25.27 -2.71 1.43
N GLY C 45 -24.00 -2.81 1.05
CA GLY C 45 -23.40 -1.85 0.12
C GLY C 45 -21.89 -1.88 0.00
N LEU C 46 -21.35 -0.99 -0.82
CA LEU C 46 -19.92 -0.79 -0.93
C LEU C 46 -19.47 0.24 0.07
N TYR C 47 -18.35 -0.01 0.71
CA TYR C 47 -17.85 0.86 1.76
C TYR C 47 -16.35 1.03 1.67
N LEU C 48 -15.91 2.24 1.96
CA LEU C 48 -14.53 2.52 2.15
C LEU C 48 -14.29 2.30 3.60
N VAL C 49 -13.30 1.47 3.92
CA VAL C 49 -12.98 1.18 5.31
C VAL C 49 -11.53 1.54 5.56
N TYR C 50 -11.30 2.35 6.58
CA TYR C 50 -9.96 2.87 6.82
C TYR C 50 -9.71 3.06 8.29
N SER C 51 -8.44 3.01 8.64
CA SER C 51 -8.03 3.21 10.00
C SER C 51 -6.57 3.66 10.03
N GLN C 52 -6.25 4.58 10.94
CA GLN C 52 -4.87 4.92 11.20
C GLN C 52 -4.56 4.80 12.68
N VAL C 53 -3.32 4.41 12.98
CA VAL C 53 -2.84 4.37 14.35
C VAL C 53 -1.42 4.86 14.40
N LEU C 54 -1.04 5.44 15.53
CA LEU C 54 0.25 6.06 15.69
C LEU C 54 0.92 5.47 16.93
N PHE C 55 2.08 4.84 16.76
CA PHE C 55 2.76 4.14 17.86
C PHE C 55 3.99 4.93 18.30
N LYS C 56 4.12 5.16 19.60
CA LYS C 56 5.23 5.95 20.18
C LYS C 56 6.12 5.05 21.05
N GLY C 57 7.41 5.33 21.12
CA GLY C 57 8.29 4.60 22.03
C GLY C 57 9.60 5.29 22.30
N GLN C 58 10.07 5.18 23.55
CA GLN C 58 11.39 5.67 23.94
C GLN C 58 12.32 4.47 24.04
N GLY C 59 13.18 4.29 23.04
CA GLY C 59 14.07 3.13 22.99
C GLY C 59 13.34 1.83 22.74
N CYS C 60 14.13 0.81 22.45
CA CYS C 60 13.62 -0.56 22.38
C CYS C 60 14.32 -1.50 23.38
N PRO C 61 14.05 -1.31 24.68
CA PRO C 61 14.54 -2.16 25.74
C PRO C 61 14.34 -3.64 25.43
N ASP C 62 13.10 -4.12 25.54
CA ASP C 62 12.72 -5.47 25.08
C ASP C 62 12.06 -5.32 23.67
N TYR C 63 12.27 -6.34 22.83
CA TYR C 63 11.93 -6.25 21.40
C TYR C 63 10.42 -6.25 21.19
N VAL C 64 9.92 -5.26 20.43
CA VAL C 64 8.48 -5.14 20.18
C VAL C 64 8.09 -5.37 18.72
N LEU C 65 6.93 -5.99 18.58
CA LEU C 65 6.20 -6.06 17.35
C LEU C 65 4.85 -5.43 17.57
N LEU C 66 4.44 -4.60 16.62
CA LEU C 66 3.15 -3.96 16.67
C LEU C 66 2.29 -4.54 15.56
N THR C 67 1.04 -4.82 15.86
CA THR C 67 0.09 -5.21 14.84
C THR C 67 -1.09 -4.26 14.88
N HIS C 68 -1.70 -4.07 13.71
CA HIS C 68 -2.88 -3.25 13.57
C HIS C 68 -3.78 -3.96 12.56
N THR C 69 -5.02 -4.19 12.94
CA THR C 69 -5.91 -4.99 12.10
C THR C 69 -7.33 -4.50 12.09
N VAL C 70 -7.89 -4.40 10.90
CA VAL C 70 -9.29 -4.13 10.72
C VAL C 70 -9.90 -5.45 10.24
N SER C 71 -11.05 -5.80 10.82
CA SER C 71 -11.63 -7.12 10.61
C SER C 71 -13.14 -7.06 10.56
N ARG C 72 -13.72 -8.05 9.88
CA ARG C 72 -15.15 -8.06 9.59
C ARG C 72 -15.81 -9.26 10.25
N PHE C 73 -16.94 -9.03 10.91
CA PHE C 73 -17.72 -10.13 11.50
C PHE C 73 -19.05 -10.15 10.82
N ALA C 74 -19.14 -10.89 9.74
CA ALA C 74 -20.28 -10.77 8.84
C ALA C 74 -21.43 -11.62 9.30
N ILE C 75 -22.62 -11.18 8.94
CA ILE C 75 -23.78 -12.05 9.02
C ILE C 75 -23.51 -13.27 8.13
N SER C 76 -23.10 -13.00 6.89
CA SER C 76 -22.83 -14.06 5.90
C SER C 76 -21.79 -15.11 6.34
N TYR C 77 -20.87 -14.73 7.23
CA TYR C 77 -19.84 -15.66 7.71
C TYR C 77 -19.48 -15.31 9.13
N GLN C 78 -20.10 -16.01 10.07
CA GLN C 78 -20.20 -15.56 11.44
C GLN C 78 -18.91 -15.82 12.22
N GLU C 79 -17.77 -15.39 11.67
CA GLU C 79 -16.47 -15.56 12.29
C GLU C 79 -15.68 -14.26 12.02
N LYS C 80 -14.73 -13.90 12.88
CA LYS C 80 -13.93 -12.67 12.67
C LYS C 80 -12.90 -12.92 11.56
N VAL C 81 -12.91 -12.08 10.53
CA VAL C 81 -12.02 -12.23 9.36
C VAL C 81 -11.28 -10.93 9.05
N ASN C 82 -9.97 -11.04 8.79
CA ASN C 82 -9.17 -9.89 8.42
C ASN C 82 -9.58 -9.26 7.10
N LEU C 83 -9.79 -7.96 7.13
CA LEU C 83 -9.91 -7.15 5.91
C LEU C 83 -8.62 -6.41 5.57
N LEU C 84 -7.97 -5.87 6.60
CA LEU C 84 -6.77 -5.10 6.45
C LEU C 84 -5.86 -5.34 7.65
N SER C 85 -4.61 -5.66 7.40
CA SER C 85 -3.71 -6.01 8.49
C SER C 85 -2.28 -5.60 8.17
N ALA C 86 -1.54 -5.30 9.23
CA ALA C 86 -0.15 -4.93 9.07
C ALA C 86 0.62 -5.21 10.36
N VAL C 87 1.91 -5.46 10.20
CA VAL C 87 2.81 -5.70 11.30
C VAL C 87 4.01 -4.78 11.13
N LYS C 88 4.56 -4.32 12.24
CA LYS C 88 5.77 -3.50 12.20
C LYS C 88 6.69 -3.79 13.35
N SER C 89 7.98 -3.77 13.03
CA SER C 89 9.03 -3.84 14.04
C SER C 89 9.75 -2.51 14.03
N PRO C 90 9.40 -1.64 14.99
CA PRO C 90 9.89 -0.27 15.07
C PRO C 90 11.28 -0.18 15.71
N CYS C 91 11.73 -1.28 16.30
CA CYS C 91 12.99 -1.28 17.04
C CYS C 91 14.18 -0.92 16.14
N PRO C 92 14.74 0.29 16.36
CA PRO C 92 15.76 1.08 15.66
C PRO C 92 17.15 0.40 15.65
N LEU C 101 18.74 4.16 23.96
CA LEU C 101 17.29 4.42 24.03
C LEU C 101 16.84 5.67 23.22
N LYS C 102 16.88 5.53 21.89
CA LYS C 102 16.38 6.56 20.95
C LYS C 102 14.86 6.49 20.87
N PRO C 103 14.18 7.64 20.89
CA PRO C 103 12.73 7.65 20.74
C PRO C 103 12.28 7.40 19.29
N TRP C 104 11.13 6.74 19.11
CA TRP C 104 10.60 6.44 17.78
C TRP C 104 9.08 6.61 17.60
N TYR C 105 8.67 6.95 16.37
CA TYR C 105 7.26 7.09 16.02
C TYR C 105 6.97 6.27 14.78
N GLU C 106 5.92 5.47 14.85
CA GLU C 106 5.55 4.62 13.73
C GLU C 106 4.05 4.66 13.50
N PRO C 107 3.64 5.23 12.37
CA PRO C 107 2.24 5.21 12.01
C PRO C 107 1.94 3.95 11.28
N ILE C 108 0.67 3.54 11.31
CA ILE C 108 0.17 2.51 10.43
C ILE C 108 -1.20 2.90 9.92
N TYR C 109 -1.35 2.88 8.60
CA TYR C 109 -2.55 3.34 7.99
C TYR C 109 -3.04 2.24 7.01
N LEU C 110 -4.31 1.86 7.15
CA LEU C 110 -4.93 0.85 6.30
C LEU C 110 -6.16 1.45 5.68
N GLY C 111 -6.45 1.06 4.45
CA GLY C 111 -7.69 1.47 3.80
C GLY C 111 -8.03 0.57 2.66
N GLY C 112 -9.32 0.39 2.40
CA GLY C 112 -9.75 -0.41 1.28
C GLY C 112 -11.24 -0.30 1.06
N VAL C 113 -11.69 -0.76 -0.10
CA VAL C 113 -13.12 -0.81 -0.39
C VAL C 113 -13.66 -2.20 -0.19
N PHE C 114 -14.84 -2.30 0.41
CA PHE C 114 -15.42 -3.61 0.70
C PHE C 114 -16.94 -3.63 0.49
N GLN C 115 -17.41 -4.71 -0.13
CA GLN C 115 -18.83 -5.07 -0.13
C GLN C 115 -19.20 -5.56 1.27
N LEU C 116 -20.26 -5.01 1.84
CA LEU C 116 -20.72 -5.39 3.16
C LEU C 116 -22.24 -5.54 3.17
N GLU C 117 -22.75 -6.23 4.19
CA GLU C 117 -24.17 -6.45 4.33
C GLU C 117 -24.68 -5.81 5.63
N LYS C 118 -25.95 -5.37 5.64
CA LYS C 118 -26.58 -4.84 6.86
C LYS C 118 -26.24 -5.74 8.02
N GLY C 119 -25.76 -5.13 9.10
CA GLY C 119 -25.51 -5.85 10.35
C GLY C 119 -24.07 -6.34 10.54
N ASP C 120 -23.29 -6.34 9.46
CA ASP C 120 -21.87 -6.71 9.56
C ASP C 120 -21.22 -5.77 10.57
N GLN C 121 -20.33 -6.29 11.37
CA GLN C 121 -19.63 -5.50 12.37
C GLN C 121 -18.14 -5.43 12.08
N LEU C 122 -17.63 -4.23 11.93
CA LEU C 122 -16.25 -4.04 11.65
C LEU C 122 -15.58 -3.67 12.95
N SER C 123 -14.35 -4.13 13.12
CA SER C 123 -13.56 -3.79 14.26
C SER C 123 -12.15 -3.38 13.84
N ALA C 124 -11.55 -2.48 14.61
CA ALA C 124 -10.19 -2.03 14.35
C ALA C 124 -9.43 -2.03 15.65
N GLU C 125 -8.40 -2.86 15.75
CA GLU C 125 -7.67 -3.00 17.00
C GLU C 125 -6.18 -3.20 16.77
N VAL C 126 -5.41 -3.09 17.85
CA VAL C 126 -3.97 -3.29 17.84
C VAL C 126 -3.62 -4.25 18.94
N ASN C 127 -2.41 -4.78 18.89
CA ASN C 127 -1.98 -5.73 19.94
C ASN C 127 -1.57 -5.03 21.24
N LEU C 128 -0.90 -3.88 21.12
CA LEU C 128 -0.33 -3.21 22.29
C LEU C 128 -0.77 -1.76 22.37
N PRO C 129 -1.97 -1.51 22.92
CA PRO C 129 -2.47 -0.17 23.14
C PRO C 129 -1.53 0.72 23.93
N LYS C 130 -0.79 0.15 24.88
CA LYS C 130 0.13 0.96 25.69
C LYS C 130 1.10 1.75 24.79
N TYR C 131 1.44 1.21 23.62
CA TYR C 131 2.35 1.87 22.70
C TYR C 131 1.71 2.95 21.83
N LEU C 132 0.38 3.03 21.84
CA LEU C 132 -0.33 4.04 21.06
C LEU C 132 0.02 5.41 21.56
N ASP C 133 -0.28 6.42 20.75
CA ASP C 133 0.10 7.79 21.03
C ASP C 133 -1.13 8.68 21.16
N PHE C 134 -1.59 8.88 22.39
CA PHE C 134 -2.57 9.98 22.71
C PHE C 134 -2.22 11.38 22.10
N ALA C 135 -2.85 11.66 20.94
CA ALA C 135 -2.47 12.77 20.07
C ALA C 135 -3.23 12.65 18.74
N GLY C 138 -5.83 11.12 18.92
CA GLY C 138 -6.47 12.18 18.13
C GLY C 138 -6.57 11.95 16.61
N GLN C 139 -5.45 11.60 16.01
CA GLN C 139 -5.42 11.12 14.61
C GLN C 139 -5.32 9.60 14.55
N VAL C 140 -5.31 8.96 15.72
CA VAL C 140 -5.78 7.55 15.81
C VAL C 140 -7.27 7.52 15.48
N TYR C 141 -7.64 6.93 14.35
CA TYR C 141 -9.04 6.93 13.90
C TYR C 141 -9.42 5.68 13.12
N PHE C 142 -10.72 5.50 12.99
CA PHE C 142 -11.30 4.31 12.39
C PHE C 142 -12.58 4.79 11.78
N GLY C 143 -12.75 4.54 10.51
CA GLY C 143 -13.80 5.19 9.78
C GLY C 143 -14.34 4.35 8.68
N VAL C 144 -15.58 4.63 8.29
CA VAL C 144 -16.29 3.87 7.31
C VAL C 144 -17.15 4.83 6.46
N ILE C 145 -17.08 4.70 5.16
CA ILE C 145 -17.86 5.55 4.28
C ILE C 145 -18.55 4.72 3.24
N ALA C 146 -19.86 4.87 3.17
CA ALA C 146 -20.66 4.17 2.18
C ALA C 146 -20.48 4.86 0.83
N LEU C 147 -20.09 4.11 -0.17
CA LEU C 147 -19.95 4.67 -1.52
C LEU C 147 -21.31 4.74 -2.20
N VAL D 1 -13.15 1.90 -32.27
CA VAL D 1 -11.92 1.51 -33.03
C VAL D 1 -11.50 2.61 -34.01
N CYS D 2 -10.24 3.04 -33.87
CA CYS D 2 -9.58 3.88 -34.85
C CYS D 2 -8.45 3.06 -35.49
N PRO D 3 -7.95 3.50 -36.66
CA PRO D 3 -6.83 2.78 -37.28
C PRO D 3 -5.53 2.94 -36.50
N GLN D 4 -4.46 2.33 -37.00
CA GLN D 4 -3.13 2.50 -36.38
C GLN D 4 -2.68 3.96 -36.38
N GLY D 5 -2.07 4.37 -35.28
CA GLY D 5 -1.54 5.71 -35.19
C GLY D 5 -2.61 6.73 -34.88
N LYS D 6 -3.85 6.27 -34.73
CA LYS D 6 -4.96 7.17 -34.43
C LYS D 6 -5.67 6.84 -33.12
N TYR D 7 -6.31 7.85 -32.56
CA TYR D 7 -7.13 7.69 -31.39
C TYR D 7 -8.51 8.34 -31.59
N ILE D 8 -9.54 7.82 -30.90
CA ILE D 8 -10.92 8.34 -31.01
C ILE D 8 -11.06 9.71 -30.35
N HIS D 9 -11.58 10.66 -31.11
CA HIS D 9 -11.75 12.04 -30.64
C HIS D 9 -12.74 12.04 -29.47
N PRO D 10 -12.35 12.63 -28.32
CA PRO D 10 -13.10 12.53 -27.06
C PRO D 10 -14.50 13.15 -27.10
N GLN D 11 -14.63 14.31 -27.75
CA GLN D 11 -15.94 14.96 -27.90
C GLN D 11 -16.84 14.38 -29.02
N ASP D 12 -16.25 13.77 -30.06
CA ASP D 12 -17.06 13.27 -31.21
C ASP D 12 -16.53 11.93 -31.70
N ASN D 13 -17.29 10.87 -31.43
CA ASN D 13 -16.88 9.48 -31.74
C ASN D 13 -16.73 9.17 -33.26
N SER D 14 -17.12 10.10 -34.13
CA SER D 14 -16.93 9.93 -35.58
C SER D 14 -15.53 10.39 -36.00
N ILE D 15 -15.14 11.60 -35.55
CA ILE D 15 -13.78 12.15 -35.81
C ILE D 15 -12.77 11.25 -35.11
N CYS D 16 -11.66 10.95 -35.79
CA CYS D 16 -10.79 9.85 -35.39
C CYS D 16 -9.36 10.14 -35.85
N CYS D 17 -8.42 10.15 -34.91
CA CYS D 17 -7.34 11.18 -34.91
C CYS D 17 -5.90 10.78 -34.71
N THR D 18 -4.99 11.58 -35.26
CA THR D 18 -3.58 11.25 -35.27
C THR D 18 -2.94 11.43 -33.91
N LYS D 19 -2.27 10.40 -33.45
CA LYS D 19 -1.63 10.45 -32.17
C LYS D 19 -0.48 11.36 -32.34
N CYS D 20 0.18 11.69 -31.24
CA CYS D 20 1.30 12.59 -31.28
C CYS D 20 2.59 11.79 -31.24
N HIS D 21 3.66 12.33 -31.76
CA HIS D 21 4.93 11.60 -31.76
C HIS D 21 5.73 11.78 -30.49
N LYS D 22 6.64 10.84 -30.25
CA LYS D 22 7.62 10.99 -29.17
C LYS D 22 8.18 12.38 -29.31
N GLY D 23 8.37 13.07 -28.20
CA GLY D 23 8.90 14.41 -28.23
C GLY D 23 7.83 15.45 -28.09
N THR D 24 6.57 15.07 -28.28
CA THR D 24 5.45 16.00 -28.21
C THR D 24 4.28 15.52 -27.33
N TYR D 25 3.40 16.45 -26.97
CA TYR D 25 2.23 16.15 -26.16
C TYR D 25 1.00 16.79 -26.78
N LEU D 26 -0.15 16.17 -26.59
CA LEU D 26 -1.40 16.71 -27.09
C LEU D 26 -1.82 18.05 -26.43
N TYR D 27 -1.67 19.15 -27.15
CA TYR D 27 -2.21 20.42 -26.72
C TYR D 27 -3.68 20.55 -27.10
N ASN D 28 -4.05 20.00 -28.26
CA ASN D 28 -5.45 19.98 -28.70
C ASN D 28 -5.76 19.02 -29.82
N ASP D 29 -6.95 18.42 -29.75
CA ASP D 29 -7.34 17.39 -30.69
C ASP D 29 -7.53 17.99 -32.09
N CYS D 30 -7.23 17.20 -33.11
CA CYS D 30 -7.72 17.40 -34.49
C CYS D 30 -9.08 18.12 -34.51
N PRO D 31 -9.18 19.18 -35.31
CA PRO D 31 -10.47 19.81 -35.54
C PRO D 31 -11.45 18.86 -36.20
N GLY D 32 -10.96 18.11 -37.18
CA GLY D 32 -11.79 17.22 -37.98
C GLY D 32 -10.95 16.20 -38.72
N PRO D 33 -11.61 15.28 -39.43
CA PRO D 33 -10.98 14.05 -39.90
C PRO D 33 -9.70 14.24 -40.71
N GLY D 34 -9.71 15.19 -41.62
CA GLY D 34 -8.52 15.42 -42.44
C GLY D 34 -7.34 15.95 -41.66
N GLN D 35 -7.62 16.87 -40.75
CA GLN D 35 -6.58 17.74 -40.18
C GLN D 35 -5.71 17.10 -39.09
N ASP D 36 -4.62 17.77 -38.75
CA ASP D 36 -3.68 17.27 -37.79
C ASP D 36 -4.06 17.67 -36.37
N THR D 37 -3.64 16.84 -35.43
CA THR D 37 -3.78 17.10 -34.03
C THR D 37 -2.82 18.19 -33.64
N ASP D 38 -3.23 19.07 -32.73
CA ASP D 38 -2.34 20.11 -32.28
C ASP D 38 -1.45 19.51 -31.20
N CYS D 39 -0.34 18.94 -31.63
CA CYS D 39 0.67 18.45 -30.68
C CYS D 39 1.83 19.41 -30.61
N ARG D 40 2.44 19.49 -29.45
CA ARG D 40 3.46 20.46 -29.17
C ARG D 40 4.61 19.82 -28.45
N GLU D 41 5.81 20.37 -28.67
CA GLU D 41 7.05 19.81 -28.15
C GLU D 41 7.16 19.96 -26.63
N CYS D 42 7.67 18.93 -25.98
CA CYS D 42 7.86 18.94 -24.53
C CYS D 42 8.76 20.07 -24.05
N GLU D 43 8.37 20.70 -22.94
CA GLU D 43 9.22 21.69 -22.27
C GLU D 43 10.51 21.05 -21.75
N SER D 44 11.55 21.86 -21.49
CA SER D 44 12.77 21.35 -20.88
C SER D 44 12.43 20.69 -19.55
N GLY D 45 13.09 19.56 -19.27
CA GLY D 45 12.88 18.81 -18.03
C GLY D 45 11.75 17.79 -18.12
N SER D 46 11.09 17.73 -19.27
CA SER D 46 10.04 16.76 -19.50
C SER D 46 10.27 16.07 -20.82
N PHE D 47 9.51 15.00 -21.06
CA PHE D 47 9.68 14.18 -22.27
C PHE D 47 8.49 13.26 -22.49
N THR D 48 8.31 12.82 -23.72
CA THR D 48 7.41 11.71 -24.03
C THR D 48 8.19 10.80 -24.94
N ALA D 49 8.24 9.52 -24.59
CA ALA D 49 9.08 8.55 -25.28
C ALA D 49 8.26 7.51 -25.99
N SER D 50 7.07 7.90 -26.43
CA SER D 50 6.32 7.09 -27.39
C SER D 50 5.19 7.87 -28.01
N GLU D 51 4.62 7.31 -29.07
CA GLU D 51 3.36 7.81 -29.59
C GLU D 51 2.37 7.99 -28.42
N ASN D 52 1.68 9.13 -28.40
CA ASN D 52 0.74 9.43 -27.33
C ASN D 52 -0.37 10.39 -27.74
N HIS D 53 -1.44 10.41 -26.95
CA HIS D 53 -2.31 11.59 -26.84
C HIS D 53 -2.41 12.05 -25.38
N LEU D 54 -1.25 12.16 -24.72
CA LEU D 54 -1.17 12.75 -23.39
C LEU D 54 -1.26 14.25 -23.40
N ARG D 55 -1.76 14.82 -22.31
CA ARG D 55 -2.00 16.25 -22.22
C ARG D 55 -0.85 17.00 -21.52
N HIS D 56 0.08 16.26 -20.92
CA HIS D 56 1.37 16.82 -20.44
C HIS D 56 2.47 15.78 -20.60
N CYS D 57 3.69 16.26 -20.81
CA CYS D 57 4.83 15.38 -20.93
C CYS D 57 5.14 14.83 -19.57
N LEU D 58 5.95 13.78 -19.54
CA LEU D 58 6.34 13.14 -18.33
C LEU D 58 7.58 13.84 -17.84
N SER D 59 7.82 13.80 -16.52
CA SER D 59 8.97 14.43 -15.92
C SER D 59 10.17 13.55 -16.16
N CYS D 60 11.30 14.16 -16.49
CA CYS D 60 12.54 13.42 -16.65
C CYS D 60 12.95 12.84 -15.32
N SER D 61 13.53 11.65 -15.34
CA SER D 61 14.15 11.10 -14.14
C SER D 61 15.50 11.77 -13.92
N LYS D 62 15.97 11.71 -12.69
CA LYS D 62 17.31 12.11 -12.37
C LYS D 62 18.05 10.79 -12.02
N CYS D 63 19.37 10.81 -12.17
CA CYS D 63 20.19 9.64 -11.89
C CYS D 63 20.37 9.49 -10.39
N ARG D 64 20.63 8.28 -9.94
CA ARG D 64 20.73 8.00 -8.50
C ARG D 64 22.17 8.13 -7.96
N LYS D 65 22.50 9.35 -7.46
CA LYS D 65 23.82 9.61 -6.87
C LYS D 65 24.03 8.76 -5.63
N GLU D 66 22.96 8.47 -4.90
CA GLU D 66 23.05 7.57 -3.75
C GLU D 66 23.50 6.18 -4.14
N MET D 67 23.41 5.86 -5.42
CA MET D 67 23.85 4.57 -5.93
C MET D 67 25.12 4.70 -6.76
N GLY D 68 25.69 5.91 -6.77
CA GLY D 68 26.86 6.20 -7.57
C GLY D 68 26.59 6.04 -9.05
N GLN D 69 25.45 6.56 -9.49
CA GLN D 69 25.12 6.56 -10.91
C GLN D 69 25.64 7.82 -11.57
N VAL D 70 25.77 7.78 -12.89
CA VAL D 70 26.25 8.91 -13.66
C VAL D 70 25.44 9.02 -14.92
N GLU D 71 25.21 10.25 -15.33
CA GLU D 71 24.43 10.51 -16.52
C GLU D 71 25.16 10.09 -17.80
N ILE D 72 24.64 9.08 -18.47
CA ILE D 72 25.11 8.74 -19.81
C ILE D 72 24.58 9.77 -20.81
N SER D 73 23.26 9.93 -20.85
CA SER D 73 22.63 10.84 -21.77
C SER D 73 21.70 11.71 -21.00
N SER D 74 21.73 13.01 -21.29
CA SER D 74 20.82 13.93 -20.63
C SER D 74 19.42 13.62 -21.08
N CYS D 75 18.46 14.24 -20.41
CA CYS D 75 17.10 14.13 -20.83
C CYS D 75 16.95 14.84 -22.14
N THR D 76 15.93 14.46 -22.87
CA THR D 76 15.60 15.11 -24.11
C THR D 76 14.11 14.90 -24.31
N VAL D 77 13.51 15.58 -25.30
CA VAL D 77 12.06 15.52 -25.46
C VAL D 77 11.53 14.12 -25.80
N ASP D 78 12.31 13.33 -26.54
CA ASP D 78 11.88 12.01 -26.98
C ASP D 78 12.52 10.86 -26.20
N ARG D 79 13.21 11.17 -25.11
CA ARG D 79 13.90 10.12 -24.35
C ARG D 79 14.26 10.58 -22.94
N ASP D 80 13.87 9.79 -21.95
CA ASP D 80 14.15 10.07 -20.55
C ASP D 80 15.66 9.92 -20.30
N THR D 81 16.15 10.62 -19.27
CA THR D 81 17.57 10.56 -18.91
C THR D 81 18.05 9.13 -18.84
N VAL D 82 19.30 8.91 -19.27
CA VAL D 82 19.90 7.58 -19.27
C VAL D 82 21.06 7.52 -18.29
N CYS D 83 20.98 6.58 -17.36
CA CYS D 83 21.93 6.49 -16.29
C CYS D 83 22.80 5.26 -16.42
N GLY D 84 24.00 5.33 -15.83
CA GLY D 84 24.90 4.21 -15.86
C GLY D 84 25.96 4.31 -14.81
N CYS D 85 27.05 3.60 -15.05
CA CYS D 85 28.16 3.51 -14.13
C CYS D 85 29.44 3.96 -14.82
N ARG D 86 30.39 4.49 -14.05
CA ARG D 86 31.71 4.85 -14.58
C ARG D 86 32.39 3.60 -15.17
N LYS D 87 33.36 3.78 -16.07
CA LYS D 87 34.15 2.64 -16.59
C LYS D 87 34.95 2.04 -15.45
N ASN D 88 35.22 0.74 -15.53
CA ASN D 88 35.79 0.01 -14.40
C ASN D 88 34.75 -0.10 -13.25
N GLN D 89 33.47 -0.18 -13.65
CA GLN D 89 32.34 -0.43 -12.75
C GLN D 89 31.29 -1.34 -13.44
N TYR D 90 30.39 -1.91 -12.64
CA TYR D 90 29.29 -2.73 -13.18
C TYR D 90 28.00 -2.50 -12.41
N ARG D 91 26.87 -2.57 -13.14
CA ARG D 91 25.55 -2.41 -12.52
C ARG D 91 25.14 -3.64 -11.75
N HIS D 92 24.84 -3.47 -10.49
CA HIS D 92 24.14 -4.49 -9.74
C HIS D 92 22.71 -4.07 -9.62
N TYR D 93 21.81 -4.83 -10.26
CA TYR D 93 20.40 -4.53 -10.25
C TYR D 93 19.77 -5.14 -9.03
N TRP D 94 19.04 -4.31 -8.28
CA TRP D 94 18.23 -4.79 -7.17
C TRP D 94 16.82 -5.04 -7.67
N SER D 95 16.35 -4.21 -8.60
CA SER D 95 15.05 -4.39 -9.24
C SER D 95 15.18 -4.11 -10.71
N GLU D 96 14.15 -4.48 -11.48
CA GLU D 96 14.13 -4.17 -12.91
C GLU D 96 14.63 -2.75 -13.12
N ASN D 97 14.17 -1.81 -12.30
CA ASN D 97 14.41 -0.41 -12.55
C ASN D 97 15.24 0.25 -11.44
N LEU D 98 16.15 -0.50 -10.82
CA LEU D 98 17.00 0.04 -9.74
C LEU D 98 18.31 -0.71 -9.61
N PHE D 99 19.40 -0.07 -10.04
CA PHE D 99 20.73 -0.68 -9.96
C PHE D 99 21.71 0.17 -9.20
N GLN D 100 22.81 -0.45 -8.82
CA GLN D 100 23.85 0.22 -8.08
C GLN D 100 25.19 0.01 -8.80
N CYS D 101 26.01 1.05 -8.81
CA CYS D 101 27.31 1.01 -9.43
C CYS D 101 28.35 0.56 -8.43
N PHE D 102 29.12 -0.45 -8.83
CA PHE D 102 30.16 -1.01 -7.99
C PHE D 102 31.43 -1.11 -8.82
N ASN D 103 32.57 -0.81 -8.20
CA ASN D 103 33.87 -0.96 -8.86
C ASN D 103 34.11 -2.43 -9.25
N CYS D 104 34.51 -2.68 -10.51
CA CYS D 104 34.76 -4.05 -10.97
C CYS D 104 35.78 -4.71 -10.08
N SER D 105 35.65 -6.01 -9.89
CA SER D 105 36.63 -6.74 -9.07
C SER D 105 37.88 -6.95 -9.90
N LEU D 106 38.98 -6.38 -9.40
CA LEU D 106 40.32 -6.79 -9.76
C LEU D 106 40.53 -8.08 -8.96
N CYS D 107 41.11 -9.09 -9.58
CA CYS D 107 41.15 -10.43 -8.97
C CYS D 107 42.37 -10.64 -8.10
N LEU D 108 42.24 -10.23 -6.83
CA LEU D 108 43.34 -10.34 -5.85
C LEU D 108 43.52 -11.80 -5.46
N ASN D 109 44.77 -12.26 -5.47
CA ASN D 109 45.10 -13.68 -5.29
C ASN D 109 44.32 -14.58 -6.27
N GLY D 110 44.23 -14.16 -7.53
CA GLY D 110 43.47 -14.90 -8.53
C GLY D 110 43.59 -14.44 -9.98
N THR D 111 42.95 -15.19 -10.87
CA THR D 111 42.90 -14.87 -12.30
C THR D 111 41.46 -14.49 -12.76
N VAL D 112 41.35 -13.36 -13.48
CA VAL D 112 40.08 -12.95 -14.09
C VAL D 112 39.61 -14.01 -15.09
N HIS D 113 38.56 -14.74 -14.74
CA HIS D 113 38.02 -15.82 -15.59
C HIS D 113 37.15 -15.28 -16.73
N LEU D 114 36.05 -14.60 -16.39
CA LEU D 114 35.25 -13.83 -17.35
C LEU D 114 35.53 -12.35 -17.07
N SER D 115 35.60 -11.54 -18.13
CA SER D 115 35.83 -10.11 -17.97
C SER D 115 34.65 -9.42 -17.28
N CYS D 116 34.92 -8.23 -16.75
CA CYS D 116 33.87 -7.45 -16.15
C CYS D 116 32.95 -6.92 -17.21
N GLN D 117 31.69 -7.36 -17.15
CA GLN D 117 30.66 -6.91 -18.08
C GLN D 117 29.98 -5.67 -17.53
N GLU D 118 28.91 -5.24 -18.21
CA GLU D 118 28.20 -4.00 -17.85
C GLU D 118 27.28 -4.25 -16.68
N LYS D 119 26.54 -5.36 -16.74
CA LYS D 119 25.58 -5.68 -15.71
C LYS D 119 26.01 -6.91 -14.87
N GLN D 120 27.31 -7.11 -14.70
CA GLN D 120 27.82 -8.30 -14.02
C GLN D 120 29.32 -8.15 -13.67
N ASN D 121 29.71 -8.60 -12.48
CA ASN D 121 31.10 -8.46 -12.05
C ASN D 121 31.98 -9.51 -12.69
N THR D 122 33.28 -9.37 -12.48
CA THR D 122 34.23 -10.30 -13.02
C THR D 122 34.03 -11.64 -12.38
N VAL D 123 33.58 -12.63 -13.16
CA VAL D 123 33.71 -14.00 -12.75
C VAL D 123 35.22 -14.20 -12.59
N CYS D 124 35.62 -14.60 -11.40
CA CYS D 124 36.96 -14.33 -10.92
C CYS D 124 37.43 -15.51 -10.09
N THR D 125 38.48 -16.21 -10.57
CA THR D 125 38.94 -17.47 -9.94
C THR D 125 40.22 -17.34 -9.08
N CYS D 126 40.25 -18.03 -7.94
CA CYS D 126 41.38 -17.95 -7.01
C CYS D 126 42.53 -18.97 -7.37
N HIS D 127 43.74 -18.62 -6.96
CA HIS D 127 44.94 -19.44 -7.16
C HIS D 127 45.13 -20.40 -6.00
N ALA D 128 45.10 -21.71 -6.27
CA ALA D 128 45.41 -22.76 -5.26
C ALA D 128 44.96 -22.42 -3.80
N GLY D 129 43.95 -21.53 -3.71
CA GLY D 129 43.49 -20.92 -2.48
C GLY D 129 42.00 -21.08 -2.46
N PHE D 130 41.28 -20.06 -1.98
CA PHE D 130 39.80 -20.13 -1.80
C PHE D 130 39.03 -18.96 -2.41
N VAL E 1 -36.37 -12.32 9.72
CA VAL E 1 -36.07 -13.56 10.48
C VAL E 1 -36.36 -14.82 9.64
N CYS E 2 -35.33 -15.66 9.51
CA CYS E 2 -35.46 -16.99 8.92
C CYS E 2 -35.19 -18.02 10.00
N PRO E 3 -35.60 -19.27 9.77
CA PRO E 3 -35.32 -20.33 10.75
C PRO E 3 -33.84 -20.68 10.84
N GLN E 4 -33.50 -21.64 11.71
CA GLN E 4 -32.10 -22.14 11.84
C GLN E 4 -31.60 -22.72 10.54
N GLY E 5 -30.35 -22.41 10.22
CA GLY E 5 -29.75 -22.93 9.01
C GLY E 5 -30.15 -22.18 7.76
N LYS E 6 -31.01 -21.17 7.92
CA LYS E 6 -31.49 -20.41 6.77
C LYS E 6 -31.14 -18.94 6.85
N TYR E 7 -31.08 -18.31 5.67
CA TYR E 7 -30.85 -16.87 5.58
C TYR E 7 -31.87 -16.24 4.64
N ILE E 8 -32.17 -14.96 4.85
CA ILE E 8 -33.16 -14.25 4.04
C ILE E 8 -32.63 -13.94 2.65
N HIS E 9 -33.41 -14.32 1.64
CA HIS E 9 -33.04 -14.15 0.26
C HIS E 9 -32.94 -12.68 -0.02
N PRO E 10 -31.79 -12.22 -0.53
CA PRO E 10 -31.47 -10.78 -0.65
C PRO E 10 -32.40 -10.00 -1.58
N GLN E 11 -32.75 -10.61 -2.71
CA GLN E 11 -33.62 -10.00 -3.68
C GLN E 11 -35.14 -10.14 -3.35
N ASP E 12 -35.55 -11.14 -2.56
CA ASP E 12 -36.99 -11.36 -2.26
C ASP E 12 -37.20 -11.74 -0.82
N ASN E 13 -37.74 -10.82 -0.04
CA ASN E 13 -37.90 -11.00 1.41
C ASN E 13 -38.86 -12.13 1.85
N SER E 14 -39.57 -12.75 0.92
CA SER E 14 -40.47 -13.87 1.23
C SER E 14 -39.70 -15.19 1.20
N ILE E 15 -38.94 -15.41 0.11
CA ILE E 15 -38.10 -16.61 -0.04
C ILE E 15 -37.01 -16.55 1.03
N CYS E 16 -36.74 -17.70 1.63
CA CYS E 16 -35.97 -17.74 2.88
C CYS E 16 -35.24 -19.10 2.95
N CYS E 17 -33.91 -19.05 3.09
CA CYS E 17 -33.03 -19.99 2.35
C CYS E 17 -31.89 -20.71 3.05
N THR E 18 -31.54 -21.88 2.51
CA THR E 18 -30.60 -22.76 3.20
C THR E 18 -29.18 -22.24 3.08
N LYS E 19 -28.48 -22.13 4.21
CA LYS E 19 -27.14 -21.65 4.23
C LYS E 19 -26.31 -22.71 3.64
N CYS E 20 -25.03 -22.42 3.43
CA CYS E 20 -24.12 -23.37 2.85
C CYS E 20 -23.18 -23.96 3.85
N HIS E 21 -22.70 -25.17 3.59
CA HIS E 21 -21.90 -25.86 4.57
C HIS E 21 -20.44 -25.46 4.50
N LYS E 22 -19.75 -25.62 5.63
CA LYS E 22 -18.30 -25.49 5.66
C LYS E 22 -17.80 -26.28 4.47
N GLY E 23 -16.85 -25.74 3.72
CA GLY E 23 -16.35 -26.42 2.54
C GLY E 23 -16.90 -25.86 1.26
N THR E 24 -17.99 -25.09 1.33
CA THR E 24 -18.66 -24.53 0.14
C THR E 24 -18.97 -23.06 0.26
N TYR E 25 -19.25 -22.44 -0.89
CA TYR E 25 -19.58 -21.00 -0.95
C TYR E 25 -20.82 -20.78 -1.80
N LEU E 26 -21.58 -19.76 -1.46
CA LEU E 26 -22.79 -19.44 -2.20
C LEU E 26 -22.52 -18.96 -3.64
N TYR E 27 -22.78 -19.83 -4.60
CA TYR E 27 -22.72 -19.43 -6.00
C TYR E 27 -24.01 -18.78 -6.42
N ASN E 28 -25.12 -19.26 -5.89
CA ASN E 28 -26.42 -18.64 -6.16
C ASN E 28 -27.52 -19.04 -5.21
N ASP E 29 -28.38 -18.08 -4.91
CA ASP E 29 -29.41 -18.27 -3.94
C ASP E 29 -30.47 -19.26 -4.46
N CYS E 30 -31.05 -20.02 -3.55
CA CYS E 30 -32.33 -20.73 -3.75
C CYS E 30 -33.22 -19.98 -4.74
N PRO E 31 -33.76 -20.69 -5.71
CA PRO E 31 -34.77 -20.11 -6.56
C PRO E 31 -36.00 -19.72 -5.77
N GLY E 32 -36.41 -20.60 -4.87
CA GLY E 32 -37.65 -20.43 -4.15
C GLY E 32 -37.71 -21.34 -2.94
N PRO E 33 -38.80 -21.24 -2.17
CA PRO E 33 -38.87 -21.79 -0.83
C PRO E 33 -38.51 -23.26 -0.69
N GLY E 34 -39.02 -24.10 -1.57
CA GLY E 34 -38.71 -25.53 -1.48
C GLY E 34 -37.25 -25.87 -1.76
N GLN E 35 -36.69 -25.18 -2.75
CA GLN E 35 -35.45 -25.63 -3.39
C GLN E 35 -34.17 -25.29 -2.63
N ASP E 36 -33.09 -25.92 -3.05
CA ASP E 36 -31.82 -25.73 -2.37
C ASP E 36 -31.01 -24.60 -3.01
N THR E 37 -30.14 -24.04 -2.19
CA THR E 37 -29.24 -22.99 -2.60
C THR E 37 -28.20 -23.59 -3.49
N ASP E 38 -27.73 -22.83 -4.47
CA ASP E 38 -26.65 -23.31 -5.33
C ASP E 38 -25.32 -23.00 -4.66
N CYS E 39 -24.88 -23.93 -3.83
CA CYS E 39 -23.62 -23.83 -3.17
C CYS E 39 -22.59 -24.73 -3.79
N ARG E 40 -21.34 -24.28 -3.80
CA ARG E 40 -20.28 -24.95 -4.53
C ARG E 40 -19.01 -25.03 -3.71
N GLU E 41 -18.21 -26.08 -3.98
CA GLU E 41 -17.02 -26.39 -3.18
C GLU E 41 -15.89 -25.42 -3.42
N CYS E 42 -15.18 -25.05 -2.35
CA CYS E 42 -14.06 -24.13 -2.44
C CYS E 42 -12.95 -24.64 -3.36
N GLU E 43 -12.41 -23.74 -4.18
CA GLU E 43 -11.25 -24.06 -5.02
C GLU E 43 -10.02 -24.29 -4.13
N SER E 44 -8.99 -24.92 -4.71
CA SER E 44 -7.74 -25.21 -3.98
C SER E 44 -7.11 -23.88 -3.53
N GLY E 45 -6.59 -23.87 -2.30
CA GLY E 45 -6.00 -22.66 -1.72
C GLY E 45 -7.00 -21.75 -1.00
N SER E 46 -8.27 -22.14 -1.01
CA SER E 46 -9.30 -21.40 -0.28
C SER E 46 -10.10 -22.34 0.57
N PHE E 47 -10.94 -21.78 1.43
CA PHE E 47 -11.72 -22.56 2.36
C PHE E 47 -12.84 -21.73 2.96
N THR E 48 -13.86 -22.41 3.48
CA THR E 48 -14.85 -21.79 4.36
C THR E 48 -14.98 -22.73 5.54
N ALA E 49 -14.85 -22.19 6.75
CA ALA E 49 -14.83 -23.02 7.97
C ALA E 49 -16.03 -22.76 8.86
N SER E 50 -17.16 -22.38 8.25
CA SER E 50 -18.44 -22.40 8.96
C SER E 50 -19.59 -22.27 7.98
N GLU E 51 -20.79 -22.61 8.47
CA GLU E 51 -22.01 -22.36 7.74
C GLU E 51 -21.98 -20.92 7.24
N ASN E 52 -22.30 -20.72 5.97
CA ASN E 52 -22.23 -19.41 5.39
C ASN E 52 -23.20 -19.19 4.25
N HIS E 53 -23.43 -17.91 3.93
CA HIS E 53 -23.86 -17.50 2.59
C HIS E 53 -22.88 -16.47 2.02
N LEU E 54 -21.57 -16.79 2.10
CA LEU E 54 -20.51 -16.01 1.43
C LEU E 54 -20.45 -16.26 -0.06
N ARG E 55 -20.02 -15.24 -0.78
CA ARG E 55 -20.00 -15.28 -2.24
C ARG E 55 -18.62 -15.73 -2.81
N HIS E 56 -17.62 -15.85 -1.93
CA HIS E 56 -16.38 -16.56 -2.22
C HIS E 56 -15.75 -17.11 -0.97
N CYS E 57 -14.91 -18.12 -1.15
CA CYS E 57 -14.20 -18.73 -0.03
C CYS E 57 -13.10 -17.81 0.42
N LEU E 58 -12.59 -18.05 1.62
CA LEU E 58 -11.54 -17.23 2.18
C LEU E 58 -10.24 -17.87 1.79
N SER E 59 -9.17 -17.09 1.81
CA SER E 59 -7.85 -17.59 1.42
C SER E 59 -7.24 -18.34 2.58
N CYS E 60 -6.61 -19.48 2.28
CA CYS E 60 -5.90 -20.23 3.30
C CYS E 60 -4.73 -19.43 3.79
N SER E 61 -4.45 -19.52 5.08
CA SER E 61 -3.22 -18.93 5.59
C SER E 61 -2.03 -19.83 5.23
N LYS E 62 -0.85 -19.24 5.21
CA LYS E 62 0.38 -20.00 5.16
C LYS E 62 1.07 -19.78 6.52
N CYS E 63 1.97 -20.70 6.89
CA CYS E 63 2.65 -20.62 8.19
C CYS E 63 3.81 -19.64 8.12
N ARG E 64 4.18 -19.08 9.27
CA ARG E 64 5.19 -18.03 9.32
C ARG E 64 6.60 -18.59 9.56
N LYS E 65 7.32 -18.83 8.45
CA LYS E 65 8.70 -19.33 8.49
C LYS E 65 9.62 -18.33 9.18
N GLU E 66 9.36 -17.05 8.97
CA GLU E 66 10.15 -16.03 9.64
C GLU E 66 10.05 -16.13 11.16
N MET E 67 9.03 -16.85 11.66
CA MET E 67 8.82 -17.03 13.09
C MET E 67 9.15 -18.44 13.50
N GLY E 68 9.67 -19.22 12.55
CA GLY E 68 9.99 -20.60 12.79
C GLY E 68 8.77 -21.42 13.10
N GLN E 69 7.71 -21.20 12.33
CA GLN E 69 6.49 -21.98 12.46
C GLN E 69 6.56 -23.19 11.57
N VAL E 70 5.74 -24.18 11.86
CA VAL E 70 5.67 -25.39 11.05
C VAL E 70 4.21 -25.80 10.89
N GLU E 71 3.91 -26.37 9.72
CA GLU E 71 2.55 -26.81 9.42
C GLU E 71 2.12 -28.03 10.25
N ILE E 72 1.16 -27.83 11.14
CA ILE E 72 0.53 -28.94 11.83
C ILE E 72 -0.42 -29.65 10.89
N SER E 73 -1.37 -28.91 10.33
CA SER E 73 -2.38 -29.48 9.44
C SER E 73 -2.45 -28.63 8.19
N SER E 74 -2.52 -29.27 7.02
CA SER E 74 -2.61 -28.57 5.72
C SER E 74 -3.96 -27.93 5.55
N CYS E 75 -4.09 -27.03 4.56
CA CYS E 75 -5.38 -26.39 4.29
C CYS E 75 -6.30 -27.41 3.68
N THR E 76 -7.59 -27.15 3.80
CA THR E 76 -8.61 -27.98 3.21
C THR E 76 -9.86 -27.09 3.03
N VAL E 77 -10.87 -27.57 2.31
CA VAL E 77 -12.03 -26.72 2.00
C VAL E 77 -12.80 -26.28 3.26
N ASP E 78 -12.84 -27.14 4.28
CA ASP E 78 -13.63 -26.86 5.48
C ASP E 78 -12.78 -26.46 6.67
N ARG E 79 -11.49 -26.21 6.45
CA ARG E 79 -10.60 -25.82 7.56
C ARG E 79 -9.33 -25.16 7.11
N ASP E 80 -9.02 -24.00 7.70
CA ASP E 80 -7.81 -23.23 7.37
C ASP E 80 -6.57 -23.98 7.86
N THR E 81 -5.42 -23.71 7.24
CA THR E 81 -4.13 -24.28 7.67
C THR E 81 -3.84 -24.03 9.15
N VAL E 82 -3.24 -25.02 9.80
CA VAL E 82 -2.93 -24.93 11.24
C VAL E 82 -1.42 -24.93 11.49
N CYS E 83 -0.95 -23.92 12.19
CA CYS E 83 0.49 -23.73 12.39
C CYS E 83 0.88 -23.92 13.84
N GLY E 84 2.13 -24.29 14.05
CA GLY E 84 2.65 -24.50 15.39
C GLY E 84 4.16 -24.45 15.48
N CYS E 85 4.70 -25.06 16.53
CA CYS E 85 6.12 -25.08 16.80
C CYS E 85 6.63 -26.50 16.89
N ARG E 86 7.90 -26.70 16.55
CA ARG E 86 8.55 -28.01 16.69
C ARG E 86 8.54 -28.44 18.18
N LYS E 87 8.71 -29.75 18.42
CA LYS E 87 8.84 -30.26 19.80
C LYS E 87 10.10 -29.70 20.41
N ASN E 88 10.09 -29.51 21.74
CA ASN E 88 11.17 -28.80 22.41
C ASN E 88 11.13 -27.32 22.04
N GLN E 89 9.91 -26.81 21.81
CA GLN E 89 9.64 -25.37 21.57
C GLN E 89 8.33 -24.92 22.19
N TYR E 90 8.14 -23.61 22.32
CA TYR E 90 6.89 -23.03 22.84
C TYR E 90 6.48 -21.74 22.11
N ARG E 91 5.18 -21.56 21.92
CA ARG E 91 4.65 -20.37 21.26
C ARG E 91 4.72 -19.15 22.18
N HIS E 92 5.37 -18.11 21.70
CA HIS E 92 5.23 -16.82 22.30
C HIS E 92 4.34 -15.97 21.41
N TYR E 93 3.17 -15.58 21.93
CA TYR E 93 2.20 -14.77 21.18
C TYR E 93 2.52 -13.29 21.34
N TRP E 94 2.64 -12.60 20.20
CA TRP E 94 2.81 -11.15 20.17
C TRP E 94 1.46 -10.47 19.97
N SER E 95 0.58 -11.12 19.22
CA SER E 95 -0.80 -10.67 19.07
C SER E 95 -1.73 -11.85 19.15
N GLU E 96 -3.03 -11.59 19.26
CA GLU E 96 -4.03 -12.66 19.21
C GLU E 96 -3.64 -13.70 18.17
N ASN E 97 -3.27 -13.22 16.98
CA ASN E 97 -3.04 -14.09 15.85
C ASN E 97 -1.64 -14.00 15.29
N LEU E 98 -0.66 -13.87 16.19
CA LEU E 98 0.75 -13.86 15.77
C LEU E 98 1.63 -14.36 16.89
N PHE E 99 2.18 -15.57 16.73
CA PHE E 99 3.13 -16.13 17.69
C PHE E 99 4.47 -16.49 17.08
N GLN E 100 5.46 -16.65 17.95
CA GLN E 100 6.79 -17.03 17.54
C GLN E 100 7.23 -18.28 18.28
N CYS E 101 7.92 -19.17 17.57
CA CYS E 101 8.43 -20.40 18.12
C CYS E 101 9.81 -20.19 18.72
N PHE E 102 9.96 -20.58 19.98
CA PHE E 102 11.21 -20.44 20.69
C PHE E 102 11.56 -21.78 21.29
N ASN E 103 12.85 -22.11 21.28
CA ASN E 103 13.34 -23.32 21.93
C ASN E 103 13.07 -23.27 23.45
N CYS E 104 12.51 -24.34 24.00
CA CYS E 104 12.20 -24.40 25.43
C CYS E 104 13.44 -24.16 26.25
N SER E 105 13.28 -23.54 27.41
CA SER E 105 14.40 -23.31 28.31
C SER E 105 14.70 -24.63 29.06
N LEU E 106 15.91 -25.17 28.83
CA LEU E 106 16.47 -26.26 29.64
C LEU E 106 17.07 -25.60 30.88
N CYS E 107 16.86 -26.20 32.06
CA CYS E 107 17.19 -25.53 33.31
C CYS E 107 18.60 -25.82 33.81
N LEU E 108 19.57 -25.06 33.29
CA LEU E 108 20.98 -25.26 33.63
C LEU E 108 21.24 -24.76 35.05
N ASN E 109 21.93 -25.58 35.85
CA ASN E 109 22.12 -25.34 37.28
C ASN E 109 20.78 -25.06 37.99
N GLY E 110 19.77 -25.86 37.66
CA GLY E 110 18.45 -25.66 38.23
C GLY E 110 17.47 -26.80 38.00
N THR E 111 16.32 -26.68 38.65
CA THR E 111 15.25 -27.66 38.57
C THR E 111 14.07 -27.11 37.75
N VAL E 112 13.66 -27.84 36.72
CA VAL E 112 12.43 -27.54 35.97
C VAL E 112 11.28 -27.60 36.95
N HIS E 113 10.72 -26.45 37.29
CA HIS E 113 9.63 -26.35 38.26
C HIS E 113 8.29 -26.76 37.63
N LEU E 114 7.85 -26.01 36.60
CA LEU E 114 6.75 -26.44 35.71
C LEU E 114 7.40 -26.82 34.38
N SER E 115 6.92 -27.88 33.76
CA SER E 115 7.46 -28.31 32.46
C SER E 115 7.15 -27.28 31.36
N CYS E 116 7.87 -27.41 30.24
CA CYS E 116 7.63 -26.56 29.10
C CYS E 116 6.30 -26.94 28.43
N GLN E 117 5.37 -26.00 28.45
CA GLN E 117 4.07 -26.19 27.83
C GLN E 117 4.11 -25.75 26.37
N GLU E 118 2.93 -25.70 25.72
CA GLU E 118 2.84 -25.34 24.29
C GLU E 118 2.92 -23.84 24.13
N LYS E 119 2.17 -23.11 24.96
CA LYS E 119 2.11 -21.64 24.85
C LYS E 119 2.82 -20.96 26.02
N GLN E 120 3.86 -21.60 26.56
CA GLN E 120 4.54 -21.05 27.74
C GLN E 120 5.87 -21.76 27.99
N ASN E 121 6.89 -20.99 28.37
CA ASN E 121 8.21 -21.56 28.64
C ASN E 121 8.29 -22.23 30.01
N THR E 122 9.39 -22.91 30.26
CA THR E 122 9.62 -23.64 31.49
C THR E 122 9.75 -22.69 32.65
N VAL E 123 8.75 -22.68 33.55
CA VAL E 123 8.94 -22.07 34.86
C VAL E 123 10.03 -22.90 35.49
N CYS E 124 11.11 -22.24 35.88
CA CYS E 124 12.42 -22.87 35.96
C CYS E 124 13.19 -22.27 37.12
N THR E 125 13.47 -23.08 38.14
CA THR E 125 14.11 -22.57 39.36
C THR E 125 15.64 -22.86 39.36
N CYS E 126 16.44 -21.79 39.42
CA CYS E 126 17.92 -21.83 39.34
C CYS E 126 18.57 -20.78 40.24
#